data_3AEX
#
_entry.id   3AEX
#
_cell.length_a   115.252
_cell.length_b   115.252
_cell.length_c   99.709
_cell.angle_alpha   90.00
_cell.angle_beta   90.00
_cell.angle_gamma   120.00
#
_symmetry.space_group_name_H-M   'P 32 2 1'
#
loop_
_entity.id
_entity.type
_entity.pdbx_description
1 polymer 'Threonine synthase'
2 non-polymer '(3E)-4-{3-hydroxy-2-methyl-5-[(phosphonooxy)methyl]pyridin-4-yl}-2-oxobut-3-enoic acid'
3 non-polymer 'PHOSPHATE ION'
4 water water
#
_entity_poly.entity_id   1
_entity_poly.type   'polypeptide(L)'
_entity_poly.pdbx_seq_one_letter_code
;MRPPLIERYRNLLPVSEKTPVISLLEGSTPLIPLKGPEEARKKGIRLYAKYEGLNPTGSFKDRGMTLAVSKAVEGGAQAV
ACASTGNTAASAAAYAARAGILAIVVLPAGYVALGKVAQSLVHGARIVQVEGNFDDALRLTQKLTEAFPVALVNSVNPHR
LEGQKTLAFEVVDELGDAPHYHALPVGNAGNITAHWMGYKAYHALGKAKRLPRMLGFQAAGAAPLVLGRPVERPETLATA
IRIGNPASWQGAVRAKEESGGVIEAVTDEEILFAYRYLAREEGIFCEPASAAAMAGVFKLLREGRLEPESTVVLTLTGHG
LKDPATAERVAELPPPVPARLEAVAAAAGLL
;
_entity_poly.pdbx_strand_id   A,B
#
loop_
_chem_comp.id
_chem_comp.type
_chem_comp.name
_chem_comp.formula
AN7 non-polymer '(3E)-4-{3-hydroxy-2-methyl-5-[(phosphonooxy)methyl]pyridin-4-yl}-2-oxobut-3-enoic acid' 'C11 H12 N O8 P'
PO4 non-polymer 'PHOSPHATE ION' 'O4 P -3'
#
# COMPACT_ATOMS: atom_id res chain seq x y z
N MET A 1 5.59 14.52 -16.52
CA MET A 1 4.39 14.00 -15.81
C MET A 1 4.79 13.14 -14.61
N ARG A 2 4.97 13.79 -13.46
CA ARG A 2 5.36 13.11 -12.22
C ARG A 2 6.68 12.35 -12.37
N PRO A 3 7.76 12.92 -11.82
CA PRO A 3 9.09 12.32 -11.88
C PRO A 3 9.39 11.27 -10.81
N PRO A 4 10.20 10.27 -11.15
CA PRO A 4 10.59 9.20 -10.24
C PRO A 4 11.39 9.83 -9.10
N LEU A 5 11.58 9.09 -8.01
CA LEU A 5 12.32 9.62 -6.87
C LEU A 5 13.72 10.13 -7.28
N ILE A 6 14.42 9.34 -8.10
CA ILE A 6 15.76 9.73 -8.56
C ILE A 6 15.74 11.14 -9.14
N GLU A 7 14.69 11.47 -9.90
CA GLU A 7 14.58 12.78 -10.51
C GLU A 7 14.26 13.89 -9.51
N ARG A 8 13.38 13.60 -8.56
CA ARG A 8 13.04 14.62 -7.58
C ARG A 8 14.32 15.11 -6.86
N TYR A 9 15.25 14.19 -6.60
CA TYR A 9 16.49 14.54 -5.92
C TYR A 9 17.78 14.22 -6.69
N ARG A 10 17.72 14.31 -8.02
CA ARG A 10 18.85 14.02 -8.88
C ARG A 10 20.18 14.67 -8.48
N ASN A 11 20.15 15.94 -8.11
CA ASN A 11 21.35 16.69 -7.70
C ASN A 11 22.02 16.18 -6.42
N LEU A 12 21.27 15.42 -5.62
CA LEU A 12 21.77 14.89 -4.35
C LEU A 12 22.02 13.39 -4.39
N LEU A 13 21.90 12.80 -5.57
CA LEU A 13 22.11 11.36 -5.72
C LEU A 13 23.26 11.03 -6.67
N PRO A 14 23.87 9.84 -6.49
CA PRO A 14 24.96 9.38 -7.33
C PRO A 14 24.47 8.87 -8.68
N VAL A 15 23.87 9.76 -9.46
CA VAL A 15 23.36 9.42 -10.80
C VAL A 15 23.76 10.49 -11.83
N SER A 16 23.77 10.11 -13.10
CA SER A 16 24.12 11.02 -14.18
C SER A 16 23.25 10.70 -15.39
N GLU A 17 23.50 11.41 -16.49
CA GLU A 17 22.73 11.21 -17.72
C GLU A 17 22.87 9.79 -18.22
N LYS A 18 23.88 9.08 -17.71
CA LYS A 18 24.11 7.71 -18.11
C LYS A 18 23.27 6.71 -17.33
N THR A 19 22.80 7.11 -16.15
CA THR A 19 22.00 6.23 -15.29
C THR A 19 20.60 5.93 -15.84
N PRO A 20 20.30 4.66 -16.11
CA PRO A 20 18.97 4.34 -16.62
C PRO A 20 18.04 4.35 -15.39
N VAL A 21 16.93 5.08 -15.46
CA VAL A 21 16.01 5.18 -14.34
C VAL A 21 14.93 4.09 -14.21
N ILE A 22 15.15 3.18 -13.27
CA ILE A 22 14.23 2.08 -12.98
C ILE A 22 13.39 2.58 -11.82
N SER A 23 12.16 2.98 -12.13
CA SER A 23 11.27 3.53 -11.12
C SER A 23 9.83 3.06 -11.21
N LEU A 24 9.17 2.98 -10.05
CA LEU A 24 7.77 2.57 -10.00
C LEU A 24 6.99 3.73 -9.37
N LEU A 25 7.57 4.92 -9.51
CA LEU A 25 7.01 6.16 -8.97
C LEU A 25 6.89 6.06 -7.45
N GLU A 26 8.02 5.80 -6.81
CA GLU A 26 8.15 5.65 -5.38
C GLU A 26 8.48 6.99 -4.69
N GLY A 27 8.45 7.01 -3.36
CA GLY A 27 8.74 8.24 -2.63
C GLY A 27 7.55 9.18 -2.61
N SER A 28 7.77 10.41 -2.12
CA SER A 28 6.70 11.40 -2.03
C SER A 28 5.48 10.82 -1.29
N THR A 29 5.76 10.15 -0.19
CA THR A 29 4.73 9.52 0.64
C THR A 29 4.14 10.54 1.62
N PRO A 30 2.89 10.31 2.06
CA PRO A 30 2.19 11.21 2.99
C PRO A 30 2.87 11.40 4.34
N LEU A 31 2.79 12.62 4.88
CA LEU A 31 3.33 12.92 6.20
C LEU A 31 2.05 13.27 7.00
N ILE A 32 1.40 12.26 7.54
CA ILE A 32 0.15 12.45 8.26
C ILE A 32 0.28 12.96 9.69
N PRO A 33 -0.31 14.12 9.99
CA PRO A 33 -0.19 14.62 11.36
C PRO A 33 -1.10 13.81 12.29
N LEU A 34 -0.55 13.33 13.39
CA LEU A 34 -1.33 12.55 14.33
C LEU A 34 -2.09 13.42 15.33
N LYS A 35 -3.28 12.94 15.70
CA LYS A 35 -4.14 13.62 16.65
C LYS A 35 -3.51 13.67 18.04
N GLY A 36 -2.77 12.62 18.40
CA GLY A 36 -2.16 12.59 19.71
C GLY A 36 -0.84 11.85 19.77
N PRO A 37 -0.65 10.99 20.78
CA PRO A 37 -1.62 10.70 21.84
C PRO A 37 -1.74 11.77 22.94
N GLU A 38 -2.57 11.46 23.93
CA GLU A 38 -2.84 12.35 25.05
C GLU A 38 -1.59 12.81 25.82
N GLU A 39 -0.64 11.90 26.03
CA GLU A 39 0.58 12.25 26.75
C GLU A 39 1.33 13.34 25.99
N ALA A 40 1.40 13.21 24.68
CA ALA A 40 2.09 14.17 23.83
C ALA A 40 1.37 15.51 23.75
N ARG A 41 0.09 15.48 23.40
CA ARG A 41 -0.68 16.70 23.27
C ARG A 41 -0.67 17.56 24.54
N LYS A 42 -0.71 16.93 25.70
CA LYS A 42 -0.71 17.65 26.96
C LYS A 42 0.62 18.38 27.22
N LYS A 43 1.70 17.84 26.66
CA LYS A 43 3.02 18.44 26.83
C LYS A 43 3.34 19.34 25.63
N GLY A 44 2.37 19.52 24.74
CA GLY A 44 2.58 20.35 23.57
C GLY A 44 3.54 19.74 22.56
N ILE A 45 3.54 18.41 22.48
CA ILE A 45 4.40 17.67 21.57
C ILE A 45 3.60 17.11 20.40
N ARG A 46 3.78 17.67 19.21
CA ARG A 46 3.05 17.20 18.03
C ARG A 46 3.79 16.09 17.29
N LEU A 47 3.02 15.11 16.79
CA LEU A 47 3.59 13.98 16.06
C LEU A 47 3.11 13.89 14.62
N TYR A 48 4.01 13.51 13.73
CA TYR A 48 3.70 13.32 12.31
C TYR A 48 4.18 11.93 11.87
N ALA A 49 3.41 11.27 11.03
CA ALA A 49 3.78 9.94 10.59
C ALA A 49 4.10 9.89 9.10
N LYS A 50 5.38 9.66 8.78
CA LYS A 50 5.80 9.54 7.38
C LYS A 50 5.42 8.12 7.00
N TYR A 51 4.31 7.99 6.28
CA TYR A 51 3.75 6.69 5.89
C TYR A 51 4.37 6.03 4.65
N GLU A 52 5.49 5.36 4.86
CA GLU A 52 6.22 4.68 3.80
C GLU A 52 5.53 3.40 3.34
N GLY A 53 4.44 3.06 4.02
CA GLY A 53 3.70 1.88 3.65
C GLY A 53 3.02 2.12 2.33
N LEU A 54 3.03 3.36 1.86
CA LEU A 54 2.38 3.71 0.59
C LEU A 54 3.32 3.76 -0.63
N ASN A 55 4.56 3.30 -0.45
CA ASN A 55 5.51 3.22 -1.56
C ASN A 55 4.97 2.01 -2.34
N PRO A 56 5.27 1.91 -3.65
CA PRO A 56 4.84 0.83 -4.54
C PRO A 56 4.77 -0.63 -4.02
N THR A 57 5.79 -1.09 -3.27
CA THR A 57 5.74 -2.46 -2.76
C THR A 57 5.41 -2.48 -1.26
N GLY A 58 5.00 -1.34 -0.73
CA GLY A 58 4.59 -1.26 0.67
C GLY A 58 5.60 -1.02 1.79
N SER A 59 6.82 -0.59 1.45
CA SER A 59 7.83 -0.33 2.49
C SER A 59 8.82 0.70 1.99
N PHE A 60 9.52 1.31 2.95
CA PHE A 60 10.49 2.33 2.63
C PHE A 60 11.62 1.79 1.73
N LYS A 61 11.74 0.47 1.65
CA LYS A 61 12.77 -0.19 0.84
C LYS A 61 12.85 0.30 -0.61
N ASP A 62 11.70 0.68 -1.17
CA ASP A 62 11.63 1.16 -2.55
C ASP A 62 12.56 2.35 -2.80
N ARG A 63 12.73 3.19 -1.78
CA ARG A 63 13.59 4.37 -1.91
C ARG A 63 15.00 3.96 -2.30
N GLY A 64 15.53 2.96 -1.61
CA GLY A 64 16.87 2.49 -1.90
C GLY A 64 16.93 1.57 -3.11
N MET A 65 15.91 0.72 -3.27
CA MET A 65 15.92 -0.23 -4.39
C MET A 65 15.91 0.47 -5.74
N THR A 66 15.20 1.59 -5.84
CA THR A 66 15.16 2.31 -7.10
C THR A 66 16.56 2.74 -7.56
N LEU A 67 17.35 3.28 -6.63
CA LEU A 67 18.70 3.71 -6.94
C LEU A 67 19.64 2.51 -7.11
N ALA A 68 19.50 1.52 -6.23
CA ALA A 68 20.34 0.32 -6.28
C ALA A 68 20.20 -0.50 -7.57
N VAL A 69 18.97 -0.67 -8.06
CA VAL A 69 18.74 -1.43 -9.27
C VAL A 69 19.13 -0.61 -10.50
N SER A 70 18.80 0.68 -10.49
CA SER A 70 19.15 1.55 -11.61
C SER A 70 20.67 1.54 -11.80
N LYS A 71 21.40 1.77 -10.70
CA LYS A 71 22.86 1.78 -10.76
C LYS A 71 23.43 0.42 -11.12
N ALA A 72 22.66 -0.64 -10.86
CA ALA A 72 23.09 -1.99 -11.18
C ALA A 72 22.98 -2.20 -12.70
N VAL A 73 21.87 -1.75 -13.27
CA VAL A 73 21.63 -1.89 -14.71
C VAL A 73 22.54 -0.95 -15.50
N GLU A 74 22.88 0.19 -14.92
CA GLU A 74 23.77 1.14 -15.59
C GLU A 74 25.12 0.46 -15.78
N GLY A 75 25.47 -0.42 -14.85
CA GLY A 75 26.72 -1.14 -14.91
C GLY A 75 26.62 -2.47 -15.66
N GLY A 76 25.45 -2.73 -16.22
CA GLY A 76 25.26 -3.97 -16.97
C GLY A 76 24.76 -5.19 -16.22
N ALA A 77 24.36 -5.02 -14.95
CA ALA A 77 23.87 -6.14 -14.16
C ALA A 77 22.71 -6.84 -14.86
N GLN A 78 22.76 -8.16 -14.84
CA GLN A 78 21.76 -9.01 -15.48
C GLN A 78 20.84 -9.63 -14.42
N ALA A 79 21.27 -9.55 -13.16
CA ALA A 79 20.50 -10.10 -12.06
C ALA A 79 20.91 -9.44 -10.75
N VAL A 80 19.99 -9.41 -9.80
CA VAL A 80 20.27 -8.82 -8.50
C VAL A 80 19.93 -9.85 -7.42
N ALA A 81 20.43 -9.63 -6.21
CA ALA A 81 20.16 -10.56 -5.13
C ALA A 81 20.26 -9.86 -3.78
N CYS A 82 19.54 -10.40 -2.81
CA CYS A 82 19.55 -9.82 -1.48
C CYS A 82 18.98 -10.82 -0.48
N ALA A 83 19.47 -10.75 0.74
CA ALA A 83 18.95 -11.58 1.82
C ALA A 83 17.82 -10.68 2.32
N SER A 84 16.84 -11.22 3.05
CA SER A 84 15.76 -10.37 3.50
C SER A 84 14.80 -11.00 4.50
N THR A 85 14.17 -10.13 5.29
CA THR A 85 13.17 -10.56 6.26
C THR A 85 11.82 -10.41 5.54
N GLY A 86 11.90 -9.99 4.27
CA GLY A 86 10.69 -9.85 3.46
C GLY A 86 10.49 -8.60 2.62
N ASN A 87 10.74 -7.43 3.18
CA ASN A 87 10.50 -6.20 2.43
C ASN A 87 11.56 -5.82 1.38
N THR A 88 12.83 -6.07 1.68
CA THR A 88 13.88 -5.74 0.72
C THR A 88 13.72 -6.67 -0.48
N ALA A 89 13.37 -7.94 -0.22
CA ALA A 89 13.17 -8.94 -1.25
C ALA A 89 11.97 -8.61 -2.14
N ALA A 90 10.86 -8.21 -1.52
CA ALA A 90 9.66 -7.83 -2.27
C ALA A 90 10.00 -6.63 -3.16
N SER A 91 10.74 -5.68 -2.59
CA SER A 91 11.12 -4.50 -3.34
C SER A 91 12.03 -4.92 -4.51
N ALA A 92 13.06 -5.71 -4.21
CA ALA A 92 13.99 -6.18 -5.23
C ALA A 92 13.27 -6.92 -6.37
N ALA A 93 12.33 -7.80 -6.02
CA ALA A 93 11.58 -8.57 -7.00
C ALA A 93 10.81 -7.66 -7.93
N ALA A 94 10.24 -6.60 -7.37
CA ALA A 94 9.45 -5.66 -8.14
C ALA A 94 10.29 -4.79 -9.06
N TYR A 95 11.39 -4.23 -8.56
CA TYR A 95 12.21 -3.40 -9.41
C TYR A 95 12.96 -4.19 -10.47
N ALA A 96 13.20 -5.48 -10.21
CA ALA A 96 13.88 -6.35 -11.17
C ALA A 96 12.91 -6.64 -12.31
N ALA A 97 11.65 -6.90 -11.94
CA ALA A 97 10.62 -7.18 -12.94
C ALA A 97 10.47 -5.92 -13.80
N ARG A 98 10.63 -4.76 -13.17
CA ARG A 98 10.52 -3.47 -13.86
C ARG A 98 11.67 -3.25 -14.84
N ALA A 99 12.88 -3.64 -14.41
CA ALA A 99 14.10 -3.48 -15.22
C ALA A 99 14.28 -4.64 -16.21
N GLY A 100 13.48 -5.67 -16.06
CA GLY A 100 13.58 -6.81 -16.96
C GLY A 100 14.73 -7.74 -16.65
N ILE A 101 15.21 -7.72 -15.41
CA ILE A 101 16.31 -8.59 -15.00
C ILE A 101 15.87 -9.58 -13.92
N LEU A 102 16.74 -10.51 -13.58
CA LEU A 102 16.42 -11.52 -12.58
C LEU A 102 16.65 -11.03 -11.16
N ALA A 103 15.82 -11.53 -10.25
CA ALA A 103 15.95 -11.19 -8.85
C ALA A 103 16.04 -12.51 -8.09
N ILE A 104 17.07 -12.63 -7.27
CA ILE A 104 17.24 -13.82 -6.44
C ILE A 104 17.09 -13.32 -5.01
N VAL A 105 16.16 -13.90 -4.25
CA VAL A 105 15.95 -13.47 -2.88
C VAL A 105 16.13 -14.65 -1.93
N VAL A 106 16.95 -14.43 -0.90
CA VAL A 106 17.22 -15.45 0.10
C VAL A 106 16.48 -15.13 1.38
N LEU A 107 15.45 -15.92 1.66
CA LEU A 107 14.58 -15.72 2.81
C LEU A 107 14.77 -16.70 3.95
N PRO A 108 14.63 -16.22 5.20
CA PRO A 108 14.77 -17.06 6.39
C PRO A 108 13.51 -17.92 6.52
N ALA A 109 13.66 -19.23 6.38
CA ALA A 109 12.52 -20.14 6.46
C ALA A 109 11.68 -19.89 7.70
N GLY A 110 10.37 -19.75 7.51
CA GLY A 110 9.45 -19.53 8.62
C GLY A 110 9.41 -18.15 9.28
N TYR A 111 10.26 -17.23 8.84
CA TYR A 111 10.27 -15.91 9.45
C TYR A 111 10.09 -14.73 8.53
N VAL A 112 9.24 -14.92 7.51
CA VAL A 112 8.91 -13.86 6.58
C VAL A 112 7.38 -13.79 6.55
N ALA A 113 6.81 -12.62 6.82
CA ALA A 113 5.36 -12.44 6.83
C ALA A 113 4.79 -12.88 5.49
N LEU A 114 3.59 -13.44 5.49
CA LEU A 114 2.99 -13.92 4.24
C LEU A 114 2.69 -12.89 3.16
N GLY A 115 2.48 -11.64 3.55
CA GLY A 115 2.21 -10.63 2.55
C GLY A 115 3.49 -10.50 1.72
N LYS A 116 4.62 -10.43 2.43
CA LYS A 116 5.92 -10.31 1.79
C LYS A 116 6.26 -11.54 0.92
N VAL A 117 5.86 -12.72 1.37
CA VAL A 117 6.10 -13.95 0.62
C VAL A 117 5.27 -13.91 -0.67
N ALA A 118 4.01 -13.48 -0.55
CA ALA A 118 3.12 -13.39 -1.69
C ALA A 118 3.74 -12.48 -2.75
N GLN A 119 4.41 -11.41 -2.30
CA GLN A 119 5.03 -10.47 -3.21
C GLN A 119 6.18 -11.09 -4.02
N SER A 120 7.17 -11.66 -3.35
CA SER A 120 8.29 -12.27 -4.03
C SER A 120 7.82 -13.34 -5.01
N LEU A 121 6.81 -14.11 -4.60
CA LEU A 121 6.24 -15.18 -5.42
C LEU A 121 5.57 -14.66 -6.70
N VAL A 122 4.65 -13.71 -6.55
CA VAL A 122 3.93 -13.18 -7.70
C VAL A 122 4.81 -12.35 -8.65
N HIS A 123 5.79 -11.63 -8.09
CA HIS A 123 6.72 -10.84 -8.90
C HIS A 123 7.73 -11.70 -9.66
N GLY A 124 7.70 -13.01 -9.41
CA GLY A 124 8.60 -13.93 -10.08
C GLY A 124 10.06 -13.94 -9.68
N ALA A 125 10.37 -13.66 -8.42
CA ALA A 125 11.76 -13.68 -8.01
C ALA A 125 12.15 -15.14 -7.79
N ARG A 126 13.44 -15.45 -7.90
CA ARG A 126 13.91 -16.81 -7.66
C ARG A 126 14.11 -16.85 -6.15
N ILE A 127 13.18 -17.51 -5.47
CA ILE A 127 13.20 -17.61 -4.02
C ILE A 127 14.00 -18.78 -3.48
N VAL A 128 14.82 -18.51 -2.48
CA VAL A 128 15.61 -19.54 -1.84
C VAL A 128 15.37 -19.41 -0.34
N GLN A 129 14.64 -20.35 0.25
CA GLN A 129 14.40 -20.30 1.68
C GLN A 129 15.54 -21.07 2.36
N VAL A 130 16.22 -20.42 3.28
CA VAL A 130 17.32 -21.08 3.98
C VAL A 130 16.96 -21.43 5.41
N GLU A 131 17.51 -22.54 5.88
CA GLU A 131 17.28 -22.99 7.24
C GLU A 131 18.20 -22.19 8.16
N GLY A 132 17.90 -20.91 8.30
CA GLY A 132 18.69 -20.02 9.13
C GLY A 132 17.95 -18.70 9.27
N ASN A 133 18.54 -17.76 10.02
CA ASN A 133 17.93 -16.45 10.23
C ASN A 133 18.43 -15.44 9.20
N PHE A 134 17.93 -14.21 9.28
CA PHE A 134 18.32 -13.16 8.36
C PHE A 134 19.84 -12.99 8.30
N ASP A 135 20.46 -12.93 9.47
CA ASP A 135 21.91 -12.76 9.54
C ASP A 135 22.61 -13.86 8.73
N ASP A 136 22.08 -15.09 8.78
CA ASP A 136 22.66 -16.19 8.04
C ASP A 136 22.50 -16.00 6.53
N ALA A 137 21.31 -15.55 6.13
CA ALA A 137 21.04 -15.33 4.72
C ALA A 137 21.87 -14.19 4.15
N LEU A 138 22.05 -13.12 4.94
CA LEU A 138 22.82 -11.98 4.49
C LEU A 138 24.26 -12.41 4.24
N ARG A 139 24.81 -13.15 5.19
CA ARG A 139 26.16 -13.66 5.09
C ARG A 139 26.29 -14.52 3.83
N LEU A 140 25.32 -15.39 3.61
CA LEU A 140 25.33 -16.28 2.45
C LEU A 140 25.18 -15.52 1.15
N THR A 141 24.29 -14.54 1.14
CA THR A 141 24.03 -13.75 -0.06
C THR A 141 25.23 -12.90 -0.46
N GLN A 142 25.97 -12.38 0.52
CA GLN A 142 27.16 -11.59 0.19
C GLN A 142 28.17 -12.53 -0.47
N LYS A 143 28.33 -13.73 0.08
CA LYS A 143 29.27 -14.71 -0.49
C LYS A 143 28.82 -15.12 -1.89
N LEU A 144 27.51 -15.20 -2.10
CA LEU A 144 26.97 -15.59 -3.39
C LEU A 144 27.25 -14.58 -4.50
N THR A 145 27.11 -13.29 -4.17
CA THR A 145 27.34 -12.23 -5.15
C THR A 145 28.82 -12.01 -5.45
N GLU A 146 29.68 -12.42 -4.52
CA GLU A 146 31.11 -12.28 -4.71
C GLU A 146 31.60 -13.46 -5.55
N ALA A 147 30.80 -14.53 -5.56
CA ALA A 147 31.11 -15.73 -6.32
C ALA A 147 30.54 -15.73 -7.73
N PHE A 148 29.31 -15.24 -7.89
CA PHE A 148 28.67 -15.22 -9.20
C PHE A 148 28.37 -13.81 -9.72
N PRO A 149 28.14 -13.69 -11.03
CA PRO A 149 27.83 -12.40 -11.66
C PRO A 149 26.42 -11.90 -11.34
N VAL A 150 26.22 -11.50 -10.09
CA VAL A 150 24.93 -10.99 -9.62
C VAL A 150 25.15 -9.81 -8.68
N ALA A 151 24.56 -8.67 -9.00
CA ALA A 151 24.70 -7.47 -8.17
C ALA A 151 23.94 -7.61 -6.86
N LEU A 152 24.60 -7.30 -5.75
CA LEU A 152 23.98 -7.39 -4.43
C LEU A 152 23.24 -6.08 -4.14
N VAL A 153 21.95 -6.17 -3.81
CA VAL A 153 21.16 -4.97 -3.54
C VAL A 153 20.81 -4.75 -2.06
N ASN A 154 21.42 -5.52 -1.17
CA ASN A 154 21.21 -5.33 0.26
C ASN A 154 21.80 -3.96 0.63
N SER A 155 21.44 -3.44 1.81
CA SER A 155 21.92 -2.14 2.25
C SER A 155 23.44 -1.98 2.30
N VAL A 156 24.16 -3.10 2.24
CA VAL A 156 25.63 -3.05 2.24
C VAL A 156 26.01 -2.24 1.00
N ASN A 157 25.18 -2.32 -0.02
CA ASN A 157 25.37 -1.57 -1.26
C ASN A 157 25.04 -0.11 -0.90
N PRO A 158 26.04 0.78 -0.89
CA PRO A 158 25.88 2.21 -0.56
C PRO A 158 24.75 2.94 -1.28
N HIS A 159 24.37 2.44 -2.45
CA HIS A 159 23.30 3.07 -3.22
C HIS A 159 21.95 3.00 -2.50
N ARG A 160 21.78 1.98 -1.67
CA ARG A 160 20.55 1.81 -0.91
C ARG A 160 20.42 2.93 0.12
N LEU A 161 21.51 3.28 0.80
CA LEU A 161 21.45 4.35 1.79
C LEU A 161 21.23 5.69 1.11
N GLU A 162 21.89 5.89 -0.04
CA GLU A 162 21.73 7.14 -0.77
C GLU A 162 20.27 7.35 -1.16
N GLY A 163 19.59 6.27 -1.55
CA GLY A 163 18.19 6.40 -1.93
C GLY A 163 17.29 6.67 -0.74
N GLN A 164 17.42 5.86 0.29
CA GLN A 164 16.59 5.98 1.49
C GLN A 164 16.73 7.32 2.24
N LYS A 165 17.87 7.98 2.12
CA LYS A 165 18.10 9.25 2.81
C LYS A 165 17.11 10.34 2.38
N THR A 166 16.52 10.15 1.22
CA THR A 166 15.56 11.10 0.68
C THR A 166 14.31 11.29 1.55
N LEU A 167 14.04 10.30 2.40
CA LEU A 167 12.89 10.41 3.29
C LEU A 167 13.04 11.68 4.11
N ALA A 168 14.24 11.89 4.67
CA ALA A 168 14.52 13.07 5.46
C ALA A 168 14.36 14.33 4.63
N PHE A 169 14.75 14.26 3.35
CA PHE A 169 14.61 15.42 2.46
C PHE A 169 13.14 15.80 2.36
N GLU A 170 12.29 14.81 2.14
CA GLU A 170 10.85 15.05 2.03
C GLU A 170 10.25 15.57 3.33
N VAL A 171 10.69 15.04 4.47
CA VAL A 171 10.17 15.51 5.75
C VAL A 171 10.48 16.99 5.89
N VAL A 172 11.73 17.38 5.64
CA VAL A 172 12.13 18.79 5.75
C VAL A 172 11.41 19.65 4.70
N ASP A 173 11.27 19.14 3.48
CA ASP A 173 10.60 19.90 2.44
C ASP A 173 9.17 20.26 2.85
N GLU A 174 8.50 19.33 3.52
CA GLU A 174 7.12 19.56 3.94
C GLU A 174 6.99 20.39 5.22
N LEU A 175 7.71 20.01 6.27
CA LEU A 175 7.65 20.74 7.52
C LEU A 175 8.37 22.09 7.48
N GLY A 176 9.27 22.26 6.50
CA GLY A 176 10.00 23.51 6.38
C GLY A 176 11.29 23.51 7.19
N ASP A 177 11.45 22.48 8.02
CA ASP A 177 12.64 22.34 8.85
C ASP A 177 12.63 20.88 9.29
N ALA A 178 13.62 20.49 10.08
CA ALA A 178 13.68 19.11 10.57
C ALA A 178 13.01 19.11 11.94
N PRO A 179 12.42 17.98 12.34
CA PRO A 179 11.75 17.91 13.64
C PRO A 179 12.76 17.87 14.77
N HIS A 180 12.29 18.09 16.00
CA HIS A 180 13.18 18.03 17.15
C HIS A 180 13.58 16.58 17.33
N TYR A 181 12.65 15.69 17.00
CA TYR A 181 12.89 14.27 17.13
C TYR A 181 12.40 13.50 15.92
N HIS A 182 13.11 12.42 15.60
CA HIS A 182 12.70 11.56 14.49
C HIS A 182 12.92 10.12 14.93
N ALA A 183 11.82 9.40 15.13
CA ALA A 183 11.88 8.01 15.58
C ALA A 183 11.60 7.00 14.48
N LEU A 184 12.29 5.86 14.56
CA LEU A 184 12.10 4.80 13.57
C LEU A 184 12.62 3.46 14.07
N PRO A 185 12.27 2.37 13.37
CA PRO A 185 12.70 1.04 13.78
C PRO A 185 14.13 0.81 13.32
N VAL A 186 14.87 -0.02 14.04
CA VAL A 186 16.24 -0.34 13.66
C VAL A 186 16.39 -1.86 13.59
N GLY A 187 16.56 -2.37 12.37
CA GLY A 187 16.73 -3.79 12.15
C GLY A 187 18.15 -4.07 11.67
N ASN A 188 18.41 -3.86 10.39
CA ASN A 188 19.75 -4.08 9.85
C ASN A 188 20.51 -2.73 9.85
N ALA A 189 19.89 -1.74 10.48
CA ALA A 189 20.44 -0.40 10.67
C ALA A 189 20.64 0.53 9.48
N GLY A 190 20.25 0.11 8.28
CA GLY A 190 20.44 0.97 7.12
C GLY A 190 19.60 2.24 7.08
N ASN A 191 18.37 2.17 7.57
CA ASN A 191 17.48 3.33 7.53
C ASN A 191 17.88 4.46 8.49
N ILE A 192 18.20 4.12 9.72
CA ILE A 192 18.59 5.16 10.67
C ILE A 192 19.86 5.84 10.15
N THR A 193 20.75 5.07 9.52
CA THR A 193 21.98 5.61 8.97
C THR A 193 21.66 6.62 7.86
N ALA A 194 20.77 6.21 6.96
CA ALA A 194 20.39 7.08 5.86
C ALA A 194 19.64 8.32 6.37
N HIS A 195 18.81 8.16 7.39
CA HIS A 195 18.07 9.30 7.93
C HIS A 195 19.05 10.39 8.38
N TRP A 196 20.06 10.00 9.16
CA TRP A 196 21.04 10.97 9.64
C TRP A 196 21.75 11.60 8.44
N MET A 197 22.12 10.76 7.47
CA MET A 197 22.78 11.25 6.26
C MET A 197 21.96 12.37 5.64
N GLY A 198 20.70 12.08 5.32
CA GLY A 198 19.83 13.07 4.73
C GLY A 198 19.68 14.33 5.56
N TYR A 199 19.60 14.18 6.87
CA TYR A 199 19.45 15.34 7.74
C TYR A 199 20.72 16.18 7.82
N LYS A 200 21.87 15.53 7.96
CA LYS A 200 23.12 16.27 8.02
C LYS A 200 23.38 17.03 6.71
N ALA A 201 22.85 16.49 5.62
CA ALA A 201 23.03 17.10 4.31
C ALA A 201 22.20 18.37 4.19
N TYR A 202 20.89 18.25 4.38
CA TYR A 202 20.00 19.39 4.30
C TYR A 202 20.39 20.48 5.29
N HIS A 203 20.95 20.09 6.43
CA HIS A 203 21.38 21.03 7.44
C HIS A 203 22.51 21.91 6.89
N ALA A 204 23.51 21.25 6.28
CA ALA A 204 24.65 21.94 5.70
C ALA A 204 24.23 22.77 4.49
N LEU A 205 23.26 22.26 3.73
CA LEU A 205 22.78 22.95 2.55
C LEU A 205 21.87 24.12 2.94
N GLY A 206 21.72 24.36 4.25
CA GLY A 206 20.88 25.45 4.72
C GLY A 206 19.39 25.21 4.61
N LYS A 207 18.99 24.01 4.19
CA LYS A 207 17.57 23.68 4.05
C LYS A 207 16.97 23.24 5.38
N ALA A 208 17.81 22.65 6.23
CA ALA A 208 17.39 22.18 7.54
C ALA A 208 18.03 23.07 8.60
N LYS A 209 17.21 23.81 9.32
CA LYS A 209 17.70 24.71 10.34
C LYS A 209 18.28 23.96 11.53
N ARG A 210 17.58 22.94 12.01
CA ARG A 210 18.11 22.17 13.12
C ARG A 210 18.34 20.71 12.75
N LEU A 211 18.84 19.95 13.71
CA LEU A 211 19.12 18.53 13.52
C LEU A 211 18.31 17.69 14.51
N PRO A 212 17.57 16.69 13.99
CA PRO A 212 16.74 15.81 14.83
C PRO A 212 17.61 14.95 15.76
N ARG A 213 16.99 14.40 16.81
CA ARG A 213 17.70 13.57 17.75
C ARG A 213 17.90 12.12 17.29
N MET A 214 17.11 11.67 16.33
CA MET A 214 17.20 10.28 15.85
C MET A 214 16.98 9.29 16.98
N LEU A 215 15.76 8.78 17.07
CA LEU A 215 15.42 7.83 18.11
C LEU A 215 15.12 6.46 17.47
N GLY A 216 16.07 5.55 17.61
CA GLY A 216 15.92 4.21 17.05
C GLY A 216 15.39 3.23 18.07
N PHE A 217 14.52 2.33 17.62
CA PHE A 217 13.95 1.35 18.52
C PHE A 217 13.99 -0.07 17.99
N GLN A 218 14.47 -0.98 18.83
CA GLN A 218 14.56 -2.39 18.48
C GLN A 218 13.66 -3.23 19.38
N ALA A 219 13.23 -4.38 18.87
CA ALA A 219 12.39 -5.29 19.64
C ALA A 219 13.29 -5.86 20.72
N ALA A 220 12.79 -5.97 21.94
CA ALA A 220 13.57 -6.49 23.06
C ALA A 220 14.36 -7.77 22.77
N GLY A 221 13.72 -8.70 22.08
CA GLY A 221 14.37 -9.96 21.77
C GLY A 221 15.39 -9.93 20.63
N ALA A 222 15.54 -8.76 20.00
CA ALA A 222 16.49 -8.62 18.90
C ALA A 222 17.05 -7.20 18.93
N ALA A 223 17.69 -6.86 20.04
CA ALA A 223 18.24 -5.52 20.20
C ALA A 223 19.74 -5.53 20.42
N PRO A 224 20.51 -5.94 19.39
CA PRO A 224 21.96 -5.96 19.55
C PRO A 224 22.54 -4.56 19.80
N LEU A 225 21.95 -3.56 19.15
CA LEU A 225 22.42 -2.18 19.31
C LEU A 225 22.20 -1.67 20.73
N VAL A 226 21.21 -2.23 21.43
CA VAL A 226 20.94 -1.82 22.80
C VAL A 226 21.88 -2.61 23.73
N LEU A 227 22.11 -3.88 23.41
CA LEU A 227 22.99 -4.74 24.20
C LEU A 227 24.45 -4.32 24.11
N GLY A 228 24.88 -3.92 22.93
CA GLY A 228 26.26 -3.55 22.73
C GLY A 228 27.00 -4.68 22.04
N ARG A 229 26.30 -5.81 21.87
CA ARG A 229 26.86 -6.96 21.19
C ARG A 229 25.79 -7.67 20.34
N PRO A 230 26.22 -8.42 19.32
CA PRO A 230 25.29 -9.14 18.43
C PRO A 230 24.41 -10.16 19.17
N VAL A 231 23.16 -10.27 18.72
CA VAL A 231 22.23 -11.21 19.32
C VAL A 231 22.21 -12.46 18.43
N GLU A 232 22.77 -13.55 18.95
CA GLU A 232 22.87 -14.80 18.21
C GLU A 232 21.53 -15.42 17.82
N ARG A 233 20.55 -15.37 18.71
CA ARG A 233 19.21 -15.92 18.44
C ARG A 233 18.12 -14.85 18.54
N PRO A 234 18.06 -13.92 17.57
CA PRO A 234 17.06 -12.85 17.58
C PRO A 234 15.63 -13.39 17.62
N GLU A 235 14.79 -12.76 18.43
CA GLU A 235 13.40 -13.19 18.59
C GLU A 235 12.42 -12.01 18.68
N THR A 236 11.29 -12.11 17.98
CA THR A 236 10.25 -11.08 17.99
C THR A 236 9.16 -11.37 16.94
N LEU A 237 7.92 -11.00 17.26
CA LEU A 237 6.82 -11.21 16.33
C LEU A 237 6.95 -10.23 15.15
N ALA A 238 7.72 -9.17 15.36
CA ALA A 238 7.98 -8.17 14.32
C ALA A 238 9.13 -8.72 13.49
N THR A 239 8.87 -9.81 12.77
CA THR A 239 9.89 -10.47 11.98
C THR A 239 10.72 -9.59 11.05
N ALA A 240 10.20 -8.42 10.68
CA ALA A 240 10.93 -7.51 9.81
C ALA A 240 12.27 -7.11 10.43
N ILE A 241 12.29 -7.02 11.75
CA ILE A 241 13.51 -6.64 12.46
C ILE A 241 13.99 -7.69 13.46
N ARG A 242 13.88 -8.95 13.05
CA ARG A 242 14.33 -10.08 13.84
C ARG A 242 15.76 -10.27 13.36
N ILE A 243 16.58 -9.24 13.64
CA ILE A 243 17.98 -9.17 13.22
C ILE A 243 18.92 -9.01 14.42
N GLY A 244 19.96 -9.83 14.48
CA GLY A 244 20.89 -9.78 15.59
C GLY A 244 22.29 -9.22 15.34
N ASN A 245 22.65 -9.01 14.08
CA ASN A 245 23.97 -8.46 13.77
C ASN A 245 23.87 -7.47 12.61
N PRO A 246 23.20 -6.32 12.84
CA PRO A 246 23.02 -5.28 11.83
C PRO A 246 24.29 -4.90 11.07
N ALA A 247 24.20 -4.88 9.76
CA ALA A 247 25.33 -4.55 8.90
C ALA A 247 25.81 -3.12 9.05
N SER A 248 24.87 -2.17 9.24
CA SER A 248 25.24 -0.76 9.40
C SER A 248 25.39 -0.40 10.87
N TRP A 249 25.92 -1.34 11.64
CA TRP A 249 26.13 -1.14 13.07
C TRP A 249 26.80 0.18 13.41
N GLN A 250 27.88 0.49 12.70
CA GLN A 250 28.62 1.72 12.97
C GLN A 250 27.83 2.97 12.59
N GLY A 251 27.18 2.93 11.44
CA GLY A 251 26.38 4.06 10.99
C GLY A 251 25.25 4.38 11.97
N ALA A 252 24.66 3.35 12.54
CA ALA A 252 23.59 3.54 13.51
C ALA A 252 24.15 4.20 14.78
N VAL A 253 25.25 3.67 15.29
CA VAL A 253 25.90 4.22 16.48
C VAL A 253 26.30 5.67 16.31
N ARG A 254 26.95 5.99 15.19
CA ARG A 254 27.36 7.37 14.95
C ARG A 254 26.16 8.29 14.85
N ALA A 255 25.10 7.84 14.18
CA ALA A 255 23.91 8.66 14.05
C ALA A 255 23.30 8.92 15.43
N LYS A 256 23.36 7.95 16.31
CA LYS A 256 22.83 8.11 17.66
C LYS A 256 23.67 9.14 18.41
N GLU A 257 24.97 8.88 18.50
CA GLU A 257 25.91 9.75 19.18
C GLU A 257 25.94 11.16 18.60
N GLU A 258 26.03 11.25 17.28
CA GLU A 258 26.09 12.54 16.60
C GLU A 258 24.84 13.39 16.68
N SER A 259 23.68 12.74 16.77
CA SER A 259 22.43 13.49 16.86
C SER A 259 21.96 13.61 18.31
N GLY A 260 22.73 13.03 19.22
CA GLY A 260 22.36 13.06 20.62
C GLY A 260 21.04 12.34 20.81
N GLY A 261 20.89 11.20 20.14
CA GLY A 261 19.67 10.42 20.25
C GLY A 261 19.83 9.14 21.04
N VAL A 262 18.98 8.16 20.74
CA VAL A 262 19.03 6.88 21.45
C VAL A 262 18.62 5.72 20.56
N ILE A 263 19.11 4.54 20.92
CA ILE A 263 18.77 3.29 20.24
C ILE A 263 18.29 2.42 21.40
N GLU A 264 16.98 2.43 21.63
CA GLU A 264 16.40 1.68 22.73
C GLU A 264 15.46 0.55 22.36
N ALA A 265 15.26 -0.36 23.31
CA ALA A 265 14.41 -1.51 23.10
C ALA A 265 12.98 -1.28 23.56
N VAL A 266 12.05 -1.97 22.90
CA VAL A 266 10.63 -1.92 23.23
C VAL A 266 10.20 -3.38 23.19
N THR A 267 9.31 -3.76 24.10
CA THR A 267 8.85 -5.15 24.13
C THR A 267 7.86 -5.41 22.99
N ASP A 268 7.63 -6.69 22.69
CA ASP A 268 6.67 -7.05 21.65
C ASP A 268 5.30 -6.58 22.12
N GLU A 269 5.07 -6.62 23.43
CA GLU A 269 3.80 -6.18 23.98
C GLU A 269 3.63 -4.69 23.69
N GLU A 270 4.69 -3.92 23.94
CA GLU A 270 4.64 -2.49 23.69
C GLU A 270 4.46 -2.26 22.19
N ILE A 271 5.01 -3.15 21.37
CA ILE A 271 4.87 -3.04 19.92
C ILE A 271 3.40 -3.21 19.53
N LEU A 272 2.78 -4.25 20.05
CA LEU A 272 1.37 -4.50 19.74
C LEU A 272 0.48 -3.35 20.19
N PHE A 273 0.74 -2.81 21.39
CA PHE A 273 -0.04 -1.70 21.90
C PHE A 273 0.06 -0.52 20.91
N ALA A 274 1.28 -0.22 20.49
CA ALA A 274 1.52 0.86 19.53
C ALA A 274 0.82 0.55 18.20
N TYR A 275 0.95 -0.69 17.77
CA TYR A 275 0.36 -1.18 16.53
C TYR A 275 -1.15 -0.96 16.50
N ARG A 276 -1.82 -1.32 17.60
CA ARG A 276 -3.27 -1.15 17.68
C ARG A 276 -3.62 0.33 17.80
N TYR A 277 -2.85 1.07 18.61
CA TYR A 277 -3.10 2.50 18.80
C TYR A 277 -3.14 3.27 17.48
N LEU A 278 -2.13 3.06 16.63
CA LEU A 278 -2.06 3.75 15.35
C LEU A 278 -3.24 3.41 14.41
N ALA A 279 -3.61 2.14 14.34
CA ALA A 279 -4.71 1.72 13.45
C ALA A 279 -6.10 2.03 13.99
N ARG A 280 -6.29 1.86 15.29
CA ARG A 280 -7.59 2.11 15.92
C ARG A 280 -7.83 3.56 16.34
N GLU A 281 -6.76 4.27 16.73
CA GLU A 281 -6.87 5.66 17.16
C GLU A 281 -6.50 6.72 16.11
N GLU A 282 -5.61 6.37 15.19
CA GLU A 282 -5.19 7.32 14.16
C GLU A 282 -5.64 6.94 12.75
N GLY A 283 -6.09 5.70 12.58
CA GLY A 283 -6.54 5.27 11.26
C GLY A 283 -5.39 4.87 10.32
N ILE A 284 -4.21 4.67 10.87
CA ILE A 284 -3.04 4.28 10.09
C ILE A 284 -2.61 2.85 10.43
N PHE A 285 -2.69 1.97 9.43
CA PHE A 285 -2.34 0.55 9.57
C PHE A 285 -0.91 0.24 9.07
N CYS A 286 0.05 0.12 9.99
CA CYS A 286 1.43 -0.20 9.64
C CYS A 286 1.75 -1.56 10.22
N GLU A 287 2.81 -2.20 9.75
CA GLU A 287 3.15 -3.51 10.30
C GLU A 287 3.84 -3.35 11.65
N PRO A 288 3.84 -4.43 12.46
CA PRO A 288 4.44 -4.46 13.79
C PRO A 288 5.81 -3.77 13.94
N ALA A 289 6.77 -4.10 13.08
CA ALA A 289 8.10 -3.49 13.17
C ALA A 289 8.00 -1.99 13.08
N SER A 290 7.12 -1.50 12.23
CA SER A 290 6.92 -0.06 12.05
C SER A 290 6.42 0.57 13.34
N ALA A 291 5.50 -0.12 14.02
CA ALA A 291 4.92 0.38 15.25
C ALA A 291 5.94 0.47 16.38
N ALA A 292 7.08 -0.20 16.22
CA ALA A 292 8.13 -0.13 17.23
C ALA A 292 8.58 1.31 17.42
N ALA A 293 8.44 2.11 16.36
CA ALA A 293 8.83 3.52 16.42
C ALA A 293 7.88 4.31 17.34
N MET A 294 6.59 4.02 17.26
CA MET A 294 5.57 4.69 18.09
C MET A 294 5.70 4.17 19.53
N ALA A 295 6.05 2.90 19.65
CA ALA A 295 6.23 2.26 20.95
C ALA A 295 7.39 2.96 21.66
N GLY A 296 8.35 3.41 20.87
CA GLY A 296 9.50 4.09 21.44
C GLY A 296 9.10 5.47 21.93
N VAL A 297 8.20 6.11 21.20
CA VAL A 297 7.71 7.43 21.56
C VAL A 297 6.86 7.34 22.84
N PHE A 298 6.06 6.29 22.94
CA PHE A 298 5.21 6.09 24.13
C PHE A 298 6.10 5.91 25.33
N LYS A 299 7.23 5.24 25.09
CA LYS A 299 8.21 4.96 26.13
C LYS A 299 8.89 6.23 26.65
N LEU A 300 9.34 7.08 25.73
CA LEU A 300 9.99 8.33 26.10
C LEU A 300 8.96 9.32 26.67
N LEU A 301 7.74 9.25 26.18
CA LEU A 301 6.67 10.13 26.66
C LEU A 301 6.38 9.84 28.13
N ARG A 302 6.34 8.56 28.49
CA ARG A 302 6.05 8.17 29.87
C ARG A 302 7.26 8.31 30.79
N GLU A 303 8.46 8.26 30.22
CA GLU A 303 9.67 8.40 31.01
C GLU A 303 10.04 9.87 31.16
N GLY A 304 9.22 10.74 30.56
CA GLY A 304 9.45 12.17 30.62
C GLY A 304 10.77 12.56 29.97
N ARG A 305 11.18 11.81 28.95
CA ARG A 305 12.43 12.09 28.27
C ARG A 305 12.27 12.82 26.94
N LEU A 306 11.05 13.27 26.65
CA LEU A 306 10.80 14.02 25.42
C LEU A 306 10.48 15.44 25.87
N GLU A 307 11.22 16.41 25.34
CA GLU A 307 11.03 17.81 25.69
C GLU A 307 9.67 18.33 25.25
N PRO A 308 8.98 19.06 26.14
CA PRO A 308 7.67 19.63 25.80
C PRO A 308 7.84 20.63 24.67
N GLU A 309 6.75 20.96 23.99
CA GLU A 309 6.81 21.90 22.88
C GLU A 309 7.84 21.44 21.85
N SER A 310 7.68 20.21 21.37
CA SER A 310 8.58 19.63 20.39
C SER A 310 7.83 18.93 19.27
N THR A 311 8.49 18.82 18.13
CA THR A 311 7.90 18.15 16.96
C THR A 311 8.56 16.78 16.81
N VAL A 312 7.75 15.75 16.66
CA VAL A 312 8.27 14.40 16.51
C VAL A 312 7.77 13.77 15.21
N VAL A 313 8.69 13.26 14.42
CA VAL A 313 8.31 12.59 13.17
C VAL A 313 8.59 11.10 13.38
N LEU A 314 7.73 10.27 12.81
CA LEU A 314 7.90 8.83 12.91
C LEU A 314 7.93 8.23 11.52
N THR A 315 8.85 7.32 11.27
CA THR A 315 8.88 6.65 9.98
C THR A 315 8.13 5.32 10.13
N LEU A 316 6.93 5.25 9.56
CA LEU A 316 6.14 4.03 9.60
C LEU A 316 6.59 3.29 8.35
N THR A 317 7.62 2.46 8.56
CA THR A 317 8.30 1.66 7.56
C THR A 317 7.49 0.78 6.60
N GLY A 318 6.46 0.09 7.10
CA GLY A 318 5.70 -0.77 6.22
C GLY A 318 4.21 -0.79 6.45
N HIS A 319 3.46 -1.16 5.41
CA HIS A 319 2.01 -1.21 5.50
C HIS A 319 1.54 -2.43 6.31
N GLY A 320 0.44 -2.26 7.05
CA GLY A 320 -0.09 -3.36 7.84
C GLY A 320 -0.43 -4.60 7.00
N LEU A 321 -0.86 -4.38 5.76
CA LEU A 321 -1.21 -5.48 4.87
C LEU A 321 -0.04 -6.46 4.64
N LYS A 322 1.17 -6.03 4.96
CA LYS A 322 2.34 -6.89 4.82
C LYS A 322 2.22 -8.12 5.71
N ASP A 323 1.67 -7.91 6.91
CA ASP A 323 1.58 -8.96 7.90
C ASP A 323 0.21 -9.10 8.55
N PRO A 324 -0.79 -9.56 7.78
CA PRO A 324 -2.17 -9.76 8.23
C PRO A 324 -2.36 -10.72 9.40
N ALA A 325 -1.47 -11.70 9.53
CA ALA A 325 -1.58 -12.68 10.60
C ALA A 325 -1.57 -12.07 11.99
N THR A 326 -0.81 -10.99 12.16
CA THR A 326 -0.72 -10.35 13.46
C THR A 326 -2.01 -9.67 13.91
N ALA A 327 -2.93 -9.42 12.98
CA ALA A 327 -4.19 -8.77 13.35
C ALA A 327 -4.96 -9.56 14.41
N GLU A 328 -4.98 -10.88 14.28
CA GLU A 328 -5.68 -11.73 15.24
C GLU A 328 -5.09 -11.60 16.65
N ARG A 329 -3.89 -11.03 16.74
CA ARG A 329 -3.20 -10.85 18.00
C ARG A 329 -3.80 -9.73 18.85
N VAL A 330 -4.45 -8.78 18.19
CA VAL A 330 -5.03 -7.65 18.90
C VAL A 330 -6.54 -7.53 18.72
N ALA A 331 -7.15 -8.48 18.04
CA ALA A 331 -8.59 -8.45 17.79
C ALA A 331 -9.07 -9.78 17.24
N GLU A 332 -10.28 -10.18 17.64
CA GLU A 332 -10.85 -11.44 17.18
C GLU A 332 -12.00 -11.24 16.21
N LEU A 333 -12.07 -12.12 15.22
CA LEU A 333 -13.11 -12.08 14.21
C LEU A 333 -14.34 -12.84 14.69
N PRO A 334 -15.47 -12.14 14.84
CA PRO A 334 -16.72 -12.77 15.29
C PRO A 334 -17.28 -13.77 14.29
N PRO A 335 -17.79 -14.92 14.78
CA PRO A 335 -18.36 -15.97 13.94
C PRO A 335 -19.63 -15.48 13.23
N PRO A 336 -19.92 -16.04 12.04
CA PRO A 336 -21.09 -15.68 11.23
C PRO A 336 -22.46 -15.80 11.88
N VAL A 337 -23.39 -14.99 11.39
CA VAL A 337 -24.76 -14.99 11.87
C VAL A 337 -25.68 -15.01 10.65
N PRO A 338 -26.93 -15.45 10.83
CA PRO A 338 -27.89 -15.51 9.72
C PRO A 338 -28.04 -14.17 9.04
N ALA A 339 -28.48 -14.19 7.78
CA ALA A 339 -28.68 -12.98 7.01
C ALA A 339 -30.01 -12.32 7.38
N ARG A 340 -30.09 -11.82 8.61
CA ARG A 340 -31.29 -11.16 9.10
C ARG A 340 -30.94 -9.91 9.87
N LEU A 341 -31.54 -8.78 9.52
CA LEU A 341 -31.28 -7.51 10.20
C LEU A 341 -31.26 -7.79 11.69
N GLU A 342 -32.23 -8.61 12.11
CA GLU A 342 -32.38 -9.00 13.50
C GLU A 342 -31.06 -9.54 14.05
N ALA A 343 -30.52 -10.55 13.37
CA ALA A 343 -29.27 -11.19 13.80
C ALA A 343 -28.04 -10.29 13.69
N VAL A 344 -28.02 -9.42 12.68
CA VAL A 344 -26.89 -8.52 12.46
C VAL A 344 -26.80 -7.45 13.56
N ALA A 345 -27.94 -6.86 13.90
CA ALA A 345 -28.00 -5.83 14.93
C ALA A 345 -27.45 -6.40 16.24
N ALA A 346 -27.71 -7.68 16.48
CA ALA A 346 -27.24 -8.33 17.70
C ALA A 346 -25.73 -8.54 17.65
N ALA A 347 -25.25 -9.03 16.52
CA ALA A 347 -23.82 -9.27 16.32
C ALA A 347 -23.05 -7.95 16.34
N ALA A 348 -23.72 -6.88 15.93
CA ALA A 348 -23.11 -5.56 15.90
C ALA A 348 -23.00 -4.94 17.29
N GLY A 349 -23.63 -5.58 18.28
CA GLY A 349 -23.58 -5.05 19.64
C GLY A 349 -24.53 -3.89 19.85
N LEU A 350 -25.50 -3.77 18.94
CA LEU A 350 -26.49 -2.70 18.99
C LEU A 350 -27.77 -3.07 19.75
N LEU A 351 -27.65 -3.92 20.77
CA LEU A 351 -28.81 -4.32 21.56
C LEU A 351 -28.47 -4.58 23.03
N MET B 1 3.07 16.96 -0.68
CA MET B 1 3.11 16.43 -2.07
C MET B 1 1.79 15.73 -2.39
N ARG B 2 1.31 14.93 -1.45
CA ARG B 2 0.05 14.22 -1.61
C ARG B 2 -0.92 14.81 -0.57
N PRO B 3 -1.54 15.95 -0.92
CA PRO B 3 -2.49 16.70 -0.09
C PRO B 3 -3.83 16.00 0.11
N PRO B 4 -4.63 16.47 1.08
CA PRO B 4 -5.93 15.83 1.30
C PRO B 4 -6.69 15.93 -0.01
N LEU B 5 -7.25 14.81 -0.46
CA LEU B 5 -8.01 14.84 -1.70
C LEU B 5 -9.07 15.95 -1.68
N ILE B 6 -9.74 16.09 -0.53
CA ILE B 6 -10.78 17.10 -0.37
C ILE B 6 -10.23 18.50 -0.66
N GLU B 7 -9.02 18.76 -0.18
CA GLU B 7 -8.39 20.04 -0.40
C GLU B 7 -8.03 20.21 -1.87
N ARG B 8 -7.35 19.22 -2.45
CA ARG B 8 -6.94 19.28 -3.85
C ARG B 8 -8.09 19.67 -4.77
N TYR B 9 -9.21 18.96 -4.66
CA TYR B 9 -10.34 19.26 -5.53
C TYR B 9 -11.50 19.97 -4.86
N ARG B 10 -11.17 20.80 -3.87
CA ARG B 10 -12.20 21.56 -3.15
C ARG B 10 -13.10 22.31 -4.13
N ASN B 11 -12.53 22.80 -5.21
CA ASN B 11 -13.28 23.55 -6.23
C ASN B 11 -14.40 22.77 -6.93
N LEU B 12 -14.22 21.45 -7.02
CA LEU B 12 -15.21 20.62 -7.71
C LEU B 12 -16.00 19.73 -6.76
N LEU B 13 -15.82 19.89 -5.46
CA LEU B 13 -16.53 19.08 -4.49
C LEU B 13 -17.51 19.86 -3.62
N PRO B 14 -18.61 19.21 -3.23
CA PRO B 14 -19.65 19.83 -2.39
C PRO B 14 -19.17 20.01 -0.96
N VAL B 15 -18.11 20.78 -0.79
CA VAL B 15 -17.56 21.06 0.53
C VAL B 15 -17.47 22.57 0.73
N SER B 16 -17.23 22.99 1.97
CA SER B 16 -17.13 24.40 2.29
C SER B 16 -16.14 24.58 3.42
N GLU B 17 -15.88 25.85 3.75
CA GLU B 17 -14.94 26.20 4.81
C GLU B 17 -15.30 25.61 6.17
N LYS B 18 -16.51 25.03 6.27
CA LYS B 18 -16.94 24.44 7.53
C LYS B 18 -16.98 22.91 7.50
N THR B 19 -16.70 22.33 6.34
CA THR B 19 -16.70 20.88 6.24
C THR B 19 -15.49 20.31 6.98
N PRO B 20 -15.74 19.44 7.97
CA PRO B 20 -14.62 18.85 8.73
C PRO B 20 -13.93 17.89 7.77
N VAL B 21 -12.65 18.07 7.52
CA VAL B 21 -11.96 17.18 6.60
C VAL B 21 -11.32 16.02 7.35
N ILE B 22 -11.87 14.83 7.15
CA ILE B 22 -11.29 13.64 7.77
C ILE B 22 -10.53 13.04 6.60
N SER B 23 -9.20 13.11 6.67
CA SER B 23 -8.36 12.63 5.58
C SER B 23 -7.13 11.91 6.09
N LEU B 24 -6.70 10.89 5.34
CA LEU B 24 -5.51 10.13 5.67
C LEU B 24 -4.50 10.41 4.56
N LEU B 25 -4.75 11.51 3.84
CA LEU B 25 -3.93 11.97 2.72
C LEU B 25 -4.04 10.92 1.62
N GLU B 26 -5.26 10.81 1.11
CA GLU B 26 -5.59 9.86 0.07
C GLU B 26 -5.52 10.52 -1.30
N GLY B 27 -5.68 9.72 -2.36
CA GLY B 27 -5.65 10.26 -3.71
C GLY B 27 -4.25 10.62 -4.22
N SER B 28 -4.19 11.30 -5.36
CA SER B 28 -2.93 11.70 -5.98
C SER B 28 -1.99 10.50 -6.08
N THR B 29 -2.53 9.40 -6.59
CA THR B 29 -1.77 8.17 -6.76
C THR B 29 -1.02 8.17 -8.09
N PRO B 30 0.04 7.36 -8.19
CA PRO B 30 0.89 7.24 -9.38
C PRO B 30 0.15 6.75 -10.63
N LEU B 31 0.49 7.34 -11.77
CA LEU B 31 -0.06 6.93 -13.05
C LEU B 31 1.16 6.35 -13.74
N ILE B 32 1.41 5.08 -13.48
CA ILE B 32 2.57 4.39 -14.01
C ILE B 32 2.50 3.98 -15.48
N PRO B 33 3.39 4.52 -16.32
CA PRO B 33 3.34 4.13 -17.74
C PRO B 33 3.86 2.70 -17.90
N LEU B 34 3.06 1.82 -18.49
CA LEU B 34 3.46 0.43 -18.68
C LEU B 34 4.39 0.21 -19.85
N LYS B 35 5.15 -0.87 -19.78
CA LYS B 35 6.08 -1.23 -20.84
C LYS B 35 5.33 -1.89 -21.98
N GLY B 36 4.42 -2.81 -21.64
CA GLY B 36 3.68 -3.51 -22.67
C GLY B 36 2.18 -3.45 -22.56
N PRO B 37 1.47 -4.53 -22.92
CA PRO B 37 2.03 -5.78 -23.42
C PRO B 37 2.64 -5.67 -24.82
N GLU B 38 3.39 -6.69 -25.21
CA GLU B 38 4.03 -6.73 -26.51
C GLU B 38 3.03 -6.44 -27.63
N GLU B 39 1.80 -6.95 -27.49
CA GLU B 39 0.76 -6.73 -28.48
C GLU B 39 0.53 -5.26 -28.72
N ALA B 40 0.20 -4.55 -27.63
CA ALA B 40 -0.08 -3.12 -27.69
C ALA B 40 1.10 -2.26 -28.11
N ARG B 41 2.32 -2.63 -27.73
CA ARG B 41 3.48 -1.81 -28.08
C ARG B 41 3.70 -1.69 -29.58
N LYS B 42 3.66 -2.80 -30.28
CA LYS B 42 3.85 -2.78 -31.71
C LYS B 42 2.54 -2.46 -32.42
N LYS B 43 1.78 -1.58 -31.79
CA LYS B 43 0.50 -1.13 -32.31
C LYS B 43 0.39 0.33 -31.88
N GLY B 44 1.46 0.82 -31.26
CA GLY B 44 1.49 2.19 -30.79
C GLY B 44 0.55 2.48 -29.64
N ILE B 45 -0.13 1.45 -29.14
CA ILE B 45 -1.05 1.62 -28.01
C ILE B 45 -0.31 1.71 -26.68
N ARG B 46 -0.38 2.87 -26.04
CA ARG B 46 0.30 3.08 -24.76
C ARG B 46 -0.63 2.89 -23.57
N LEU B 47 -0.18 2.09 -22.61
CA LEU B 47 -0.97 1.82 -21.41
C LEU B 47 -0.39 2.53 -20.17
N TYR B 48 -1.29 3.01 -19.31
CA TYR B 48 -0.89 3.66 -18.07
C TYR B 48 -1.71 3.02 -16.95
N ALA B 49 -1.06 2.77 -15.82
CA ALA B 49 -1.77 2.17 -14.70
C ALA B 49 -1.99 3.16 -13.59
N LYS B 50 -3.25 3.49 -13.33
CA LYS B 50 -3.59 4.39 -12.23
C LYS B 50 -3.64 3.42 -11.03
N TYR B 51 -2.55 3.39 -10.28
CA TYR B 51 -2.35 2.47 -9.15
C TYR B 51 -3.03 2.90 -7.86
N GLU B 52 -4.32 2.65 -7.79
CA GLU B 52 -5.11 3.00 -6.61
C GLU B 52 -4.75 2.15 -5.39
N GLY B 53 -3.81 1.22 -5.61
CA GLY B 53 -3.37 0.37 -4.52
C GLY B 53 -2.52 1.16 -3.54
N LEU B 54 -2.13 2.38 -3.91
CA LEU B 54 -1.30 3.18 -3.02
C LEU B 54 -2.07 4.21 -2.19
N ASN B 55 -3.39 4.07 -2.14
CA ASN B 55 -4.21 4.91 -1.29
C ASN B 55 -3.97 4.35 0.11
N PRO B 56 -4.14 5.17 1.16
CA PRO B 56 -3.94 4.76 2.55
C PRO B 56 -4.38 3.33 2.94
N THR B 57 -5.57 2.92 2.52
CA THR B 57 -6.03 1.58 2.86
C THR B 57 -5.82 0.56 1.74
N GLY B 58 -5.09 0.96 0.70
CA GLY B 58 -4.79 0.04 -0.39
C GLY B 58 -5.79 -0.12 -1.52
N SER B 59 -6.79 0.74 -1.59
CA SER B 59 -7.77 0.65 -2.67
C SER B 59 -8.34 2.04 -2.96
N PHE B 60 -9.00 2.19 -4.09
CA PHE B 60 -9.59 3.46 -4.48
C PHE B 60 -10.75 3.91 -3.58
N LYS B 61 -11.30 2.98 -2.80
CA LYS B 61 -12.42 3.30 -1.91
C LYS B 61 -12.09 4.53 -1.10
N ASP B 62 -10.81 4.70 -0.77
CA ASP B 62 -10.43 5.93 -0.10
C ASP B 62 -10.43 6.80 -1.36
N ARG B 63 -11.29 7.79 -1.37
CA ARG B 63 -11.47 8.77 -2.43
C ARG B 63 -12.92 9.11 -2.16
N GLY B 64 -13.74 8.06 -2.17
CA GLY B 64 -15.15 8.23 -1.92
C GLY B 64 -15.39 8.29 -0.42
N MET B 65 -14.64 7.49 0.32
CA MET B 65 -14.80 7.41 1.78
C MET B 65 -14.38 8.68 2.52
N THR B 66 -13.36 9.39 2.03
CA THR B 66 -12.96 10.60 2.72
C THR B 66 -14.06 11.65 2.67
N LEU B 67 -14.76 11.75 1.54
CA LEU B 67 -15.83 12.74 1.44
C LEU B 67 -17.06 12.26 2.22
N ALA B 68 -17.32 10.95 2.17
CA ALA B 68 -18.48 10.38 2.86
C ALA B 68 -18.41 10.59 4.36
N VAL B 69 -17.31 10.18 4.98
CA VAL B 69 -17.17 10.34 6.42
C VAL B 69 -17.04 11.81 6.81
N SER B 70 -16.39 12.61 5.96
CA SER B 70 -16.22 14.03 6.24
C SER B 70 -17.59 14.71 6.31
N LYS B 71 -18.43 14.44 5.31
CA LYS B 71 -19.76 15.02 5.26
C LYS B 71 -20.65 14.45 6.37
N ALA B 72 -20.48 13.15 6.66
CA ALA B 72 -21.28 12.50 7.69
C ALA B 72 -21.00 13.16 9.04
N VAL B 73 -19.73 13.44 9.31
CA VAL B 73 -19.34 14.08 10.56
C VAL B 73 -19.89 15.51 10.54
N GLU B 74 -19.90 16.13 9.36
CA GLU B 74 -20.43 17.48 9.25
C GLU B 74 -21.88 17.44 9.74
N GLY B 75 -22.55 16.33 9.45
CA GLY B 75 -23.94 16.16 9.86
C GLY B 75 -24.11 15.71 11.29
N GLY B 76 -23.00 15.56 12.02
CA GLY B 76 -23.08 15.13 13.40
C GLY B 76 -23.18 13.64 13.62
N ALA B 77 -22.86 12.87 12.58
CA ALA B 77 -22.91 11.41 12.67
C ALA B 77 -21.76 10.96 13.56
N GLN B 78 -22.00 9.93 14.37
CA GLN B 78 -20.93 9.42 15.23
C GLN B 78 -20.69 7.94 14.96
N ALA B 79 -21.17 7.49 13.80
CA ALA B 79 -21.00 6.11 13.40
C ALA B 79 -21.40 5.98 11.94
N VAL B 80 -20.75 5.05 11.25
CA VAL B 80 -21.05 4.79 9.84
C VAL B 80 -21.07 3.27 9.70
N ALA B 81 -21.69 2.79 8.64
CA ALA B 81 -21.76 1.36 8.39
C ALA B 81 -21.74 1.11 6.89
N CYS B 82 -21.41 -0.11 6.49
CA CYS B 82 -21.42 -0.44 5.07
C CYS B 82 -21.33 -1.94 4.88
N ALA B 83 -21.84 -2.40 3.74
CA ALA B 83 -21.73 -3.81 3.38
C ALA B 83 -20.39 -3.80 2.62
N SER B 84 -19.75 -4.96 2.43
CA SER B 84 -18.48 -4.95 1.71
C SER B 84 -17.84 -6.29 1.39
N THR B 85 -17.15 -6.37 0.25
CA THR B 85 -16.44 -7.57 -0.15
C THR B 85 -15.06 -7.47 0.52
N GLY B 86 -14.82 -6.34 1.18
CA GLY B 86 -13.57 -6.16 1.90
C GLY B 86 -12.94 -4.78 1.92
N ASN B 87 -12.79 -4.17 0.75
CA ASN B 87 -12.13 -2.85 0.66
C ASN B 87 -12.91 -1.64 1.15
N THR B 88 -14.19 -1.57 0.83
CA THR B 88 -14.98 -0.43 1.31
C THR B 88 -15.00 -0.46 2.84
N ALA B 89 -15.09 -1.66 3.40
CA ALA B 89 -15.12 -1.85 4.85
C ALA B 89 -13.80 -1.39 5.48
N ALA B 90 -12.69 -1.84 4.88
CA ALA B 90 -11.37 -1.46 5.40
C ALA B 90 -11.25 0.05 5.39
N SER B 91 -11.77 0.68 4.34
CA SER B 91 -11.73 2.14 4.21
C SER B 91 -12.60 2.82 5.28
N ALA B 92 -13.83 2.33 5.46
CA ALA B 92 -14.72 2.90 6.46
C ALA B 92 -14.07 2.72 7.84
N ALA B 93 -13.52 1.53 8.07
CA ALA B 93 -12.88 1.25 9.35
C ALA B 93 -11.78 2.24 9.66
N ALA B 94 -10.92 2.48 8.67
CA ALA B 94 -9.80 3.39 8.84
C ALA B 94 -10.22 4.84 9.01
N TYR B 95 -11.18 5.29 8.19
CA TYR B 95 -11.62 6.68 8.30
C TYR B 95 -12.44 6.93 9.57
N ALA B 96 -13.17 5.91 10.01
CA ALA B 96 -13.97 6.07 11.23
C ALA B 96 -12.96 6.29 12.36
N ALA B 97 -11.94 5.42 12.41
CA ALA B 97 -10.90 5.52 13.42
C ALA B 97 -10.27 6.91 13.35
N ARG B 98 -10.07 7.39 12.13
CA ARG B 98 -9.48 8.72 11.91
C ARG B 98 -10.40 9.80 12.47
N ALA B 99 -11.67 9.74 12.09
CA ALA B 99 -12.69 10.69 12.54
C ALA B 99 -12.98 10.55 14.03
N GLY B 100 -12.69 9.37 14.57
CA GLY B 100 -12.94 9.13 15.99
C GLY B 100 -14.37 8.71 16.24
N ILE B 101 -14.97 8.04 15.26
CA ILE B 101 -16.33 7.54 15.35
C ILE B 101 -16.37 6.01 15.26
N LEU B 102 -17.55 5.44 15.37
CA LEU B 102 -17.72 3.99 15.29
C LEU B 102 -17.96 3.52 13.86
N ALA B 103 -17.40 2.36 13.53
CA ALA B 103 -17.56 1.78 12.21
C ALA B 103 -18.14 0.37 12.33
N ILE B 104 -19.16 0.09 11.52
CA ILE B 104 -19.81 -1.23 11.49
C ILE B 104 -19.76 -1.76 10.07
N VAL B 105 -19.08 -2.89 9.87
CA VAL B 105 -18.98 -3.46 8.52
C VAL B 105 -19.59 -4.86 8.42
N VAL B 106 -20.44 -5.07 7.42
CA VAL B 106 -21.10 -6.35 7.21
C VAL B 106 -20.48 -7.05 6.00
N LEU B 107 -19.80 -8.16 6.25
CA LEU B 107 -19.11 -8.92 5.20
C LEU B 107 -19.72 -10.28 4.87
N PRO B 108 -19.52 -10.76 3.62
CA PRO B 108 -20.05 -12.07 3.23
C PRO B 108 -19.16 -13.12 3.90
N ALA B 109 -19.76 -14.07 4.62
CA ALA B 109 -18.98 -15.09 5.31
C ALA B 109 -18.09 -15.88 4.35
N GLY B 110 -16.81 -15.96 4.69
CA GLY B 110 -15.88 -16.69 3.85
C GLY B 110 -15.48 -16.08 2.52
N TYR B 111 -16.04 -14.93 2.15
CA TYR B 111 -15.68 -14.34 0.86
C TYR B 111 -15.00 -12.97 0.88
N VAL B 112 -14.16 -12.78 1.90
CA VAL B 112 -13.42 -11.55 2.04
C VAL B 112 -11.96 -11.93 2.19
N ALA B 113 -11.12 -11.32 1.37
CA ALA B 113 -9.69 -11.57 1.37
C ALA B 113 -9.03 -11.32 2.72
N LEU B 114 -8.15 -12.22 3.11
CA LEU B 114 -7.44 -12.16 4.37
C LEU B 114 -6.89 -10.77 4.73
N GLY B 115 -6.31 -10.07 3.76
CA GLY B 115 -5.77 -8.75 4.03
C GLY B 115 -6.84 -7.76 4.47
N LYS B 116 -7.97 -7.80 3.78
CA LYS B 116 -9.08 -6.91 4.06
C LYS B 116 -9.69 -7.17 5.45
N VAL B 117 -9.72 -8.44 5.86
CA VAL B 117 -10.23 -8.80 7.17
C VAL B 117 -9.26 -8.24 8.21
N ALA B 118 -7.96 -8.44 7.97
CA ALA B 118 -6.95 -7.94 8.89
C ALA B 118 -7.08 -6.44 9.13
N GLN B 119 -7.46 -5.70 8.10
CA GLN B 119 -7.61 -4.25 8.25
C GLN B 119 -8.80 -3.85 9.13
N SER B 120 -10.00 -4.36 8.81
CA SER B 120 -11.18 -4.05 9.62
C SER B 120 -10.93 -4.43 11.09
N LEU B 121 -10.34 -5.60 11.30
CA LEU B 121 -10.01 -6.08 12.63
C LEU B 121 -9.15 -5.08 13.40
N VAL B 122 -7.93 -4.87 12.91
CA VAL B 122 -6.98 -3.98 13.58
C VAL B 122 -7.43 -2.53 13.72
N HIS B 123 -8.21 -2.02 12.77
CA HIS B 123 -8.69 -0.65 12.86
C HIS B 123 -9.82 -0.52 13.89
N GLY B 124 -10.13 -1.64 14.54
CA GLY B 124 -11.17 -1.64 15.57
C GLY B 124 -12.58 -1.41 15.05
N ALA B 125 -12.91 -2.00 13.91
CA ALA B 125 -14.25 -1.84 13.35
C ALA B 125 -15.15 -2.91 13.93
N ARG B 126 -16.45 -2.65 13.87
CA ARG B 126 -17.48 -3.56 14.38
C ARG B 126 -17.84 -4.50 13.23
N ILE B 127 -17.27 -5.69 13.23
CA ILE B 127 -17.51 -6.64 12.14
C ILE B 127 -18.63 -7.65 12.33
N VAL B 128 -19.48 -7.74 11.31
CA VAL B 128 -20.59 -8.67 11.30
C VAL B 128 -20.51 -9.53 10.05
N GLN B 129 -20.17 -10.81 10.22
CA GLN B 129 -20.09 -11.74 9.10
C GLN B 129 -21.45 -12.40 8.93
N VAL B 130 -22.05 -12.23 7.76
CA VAL B 130 -23.36 -12.81 7.53
C VAL B 130 -23.31 -14.02 6.62
N GLU B 131 -24.21 -14.96 6.87
CA GLU B 131 -24.30 -16.18 6.08
C GLU B 131 -25.06 -15.88 4.79
N GLY B 132 -24.36 -15.17 3.89
CA GLY B 132 -24.92 -14.79 2.61
C GLY B 132 -23.80 -14.12 1.82
N ASN B 133 -24.10 -13.66 0.61
CA ASN B 133 -23.09 -12.99 -0.20
C ASN B 133 -23.14 -11.47 0.00
N PHE B 134 -22.44 -10.73 -0.86
CA PHE B 134 -22.39 -9.28 -0.77
C PHE B 134 -23.77 -8.65 -0.95
N ASP B 135 -24.50 -9.10 -1.97
CA ASP B 135 -25.83 -8.58 -2.25
C ASP B 135 -26.75 -8.69 -1.04
N ASP B 136 -26.53 -9.73 -0.22
CA ASP B 136 -27.32 -9.95 0.98
C ASP B 136 -26.86 -8.99 2.07
N ALA B 137 -25.55 -8.79 2.15
CA ALA B 137 -24.97 -7.91 3.15
C ALA B 137 -25.33 -6.46 2.84
N LEU B 138 -25.50 -6.14 1.56
CA LEU B 138 -25.83 -4.79 1.14
C LEU B 138 -27.24 -4.42 1.59
N ARG B 139 -28.19 -5.30 1.29
CA ARG B 139 -29.59 -5.09 1.66
C ARG B 139 -29.71 -5.04 3.19
N LEU B 140 -29.08 -5.99 3.86
CA LEU B 140 -29.12 -6.03 5.31
C LEU B 140 -28.59 -4.72 5.93
N THR B 141 -27.44 -4.28 5.47
CA THR B 141 -26.81 -3.07 5.97
C THR B 141 -27.61 -1.79 5.75
N GLN B 142 -28.37 -1.74 4.66
CA GLN B 142 -29.17 -0.55 4.40
C GLN B 142 -30.22 -0.40 5.50
N LYS B 143 -30.80 -1.52 5.91
CA LYS B 143 -31.81 -1.51 6.95
C LYS B 143 -31.11 -1.17 8.26
N LEU B 144 -29.93 -1.76 8.48
CA LEU B 144 -29.19 -1.51 9.71
C LEU B 144 -29.00 -0.01 9.93
N THR B 145 -28.89 0.75 8.84
CA THR B 145 -28.71 2.20 8.94
C THR B 145 -30.05 2.91 9.13
N GLU B 146 -31.14 2.17 9.02
CA GLU B 146 -32.46 2.74 9.19
C GLU B 146 -33.02 2.32 10.56
N ALA B 147 -32.34 1.37 11.20
CA ALA B 147 -32.74 0.88 12.51
C ALA B 147 -31.96 1.65 13.57
N PHE B 148 -30.71 2.02 13.25
CA PHE B 148 -29.87 2.76 14.19
C PHE B 148 -29.36 4.08 13.57
N PRO B 149 -29.03 5.06 14.42
CA PRO B 149 -28.53 6.34 13.91
C PRO B 149 -27.07 6.17 13.45
N VAL B 150 -26.92 5.50 12.31
CA VAL B 150 -25.63 5.20 11.71
C VAL B 150 -25.66 5.62 10.24
N ALA B 151 -24.64 6.36 9.81
CA ALA B 151 -24.57 6.82 8.43
C ALA B 151 -24.14 5.71 7.47
N LEU B 152 -24.87 5.57 6.38
CA LEU B 152 -24.54 4.55 5.38
C LEU B 152 -23.44 5.09 4.47
N VAL B 153 -22.27 4.45 4.46
CA VAL B 153 -21.18 4.92 3.59
C VAL B 153 -20.94 4.06 2.37
N ASN B 154 -21.96 3.31 1.93
CA ASN B 154 -21.84 2.49 0.74
C ASN B 154 -22.07 3.42 -0.45
N SER B 155 -21.64 2.99 -1.62
CA SER B 155 -21.76 3.81 -2.83
C SER B 155 -23.12 4.48 -3.07
N VAL B 156 -24.15 3.99 -2.40
CA VAL B 156 -25.48 4.58 -2.57
C VAL B 156 -25.44 6.00 -2.00
N ASN B 157 -24.48 6.24 -1.13
CA ASN B 157 -24.28 7.56 -0.53
C ASN B 157 -23.61 8.42 -1.60
N PRO B 158 -24.31 9.43 -2.13
CA PRO B 158 -23.82 10.32 -3.17
C PRO B 158 -22.39 10.81 -3.01
N HIS B 159 -21.99 11.07 -1.77
CA HIS B 159 -20.64 11.55 -1.52
C HIS B 159 -19.56 10.56 -1.93
N ARG B 160 -19.86 9.26 -1.93
CA ARG B 160 -18.87 8.26 -2.32
C ARG B 160 -18.45 8.46 -3.76
N LEU B 161 -19.43 8.56 -4.65
CA LEU B 161 -19.15 8.75 -6.06
C LEU B 161 -18.57 10.14 -6.33
N GLU B 162 -18.98 11.14 -5.55
CA GLU B 162 -18.44 12.48 -5.75
C GLU B 162 -16.94 12.45 -5.52
N GLY B 163 -16.53 11.75 -4.47
CA GLY B 163 -15.12 11.65 -4.15
C GLY B 163 -14.34 10.81 -5.16
N GLN B 164 -14.92 9.70 -5.60
CA GLN B 164 -14.26 8.81 -6.55
C GLN B 164 -14.09 9.37 -7.95
N LYS B 165 -14.88 10.38 -8.30
CA LYS B 165 -14.77 10.98 -9.63
C LYS B 165 -13.43 11.72 -9.76
N THR B 166 -12.80 12.04 -8.63
CA THR B 166 -11.53 12.74 -8.64
C THR B 166 -10.43 11.98 -9.38
N LEU B 167 -10.59 10.66 -9.52
CA LEU B 167 -9.59 9.87 -10.22
C LEU B 167 -9.43 10.28 -11.69
N ALA B 168 -10.54 10.61 -12.35
CA ALA B 168 -10.50 11.04 -13.76
C ALA B 168 -9.83 12.41 -13.87
N PHE B 169 -10.07 13.27 -12.88
CA PHE B 169 -9.47 14.60 -12.83
C PHE B 169 -7.94 14.47 -12.77
N GLU B 170 -7.47 13.54 -11.95
CA GLU B 170 -6.03 13.31 -11.77
C GLU B 170 -5.36 12.76 -13.02
N VAL B 171 -6.09 11.93 -13.77
CA VAL B 171 -5.58 11.34 -15.00
C VAL B 171 -5.41 12.45 -16.04
N VAL B 172 -6.40 13.32 -16.16
CA VAL B 172 -6.34 14.40 -17.12
C VAL B 172 -5.27 15.41 -16.69
N ASP B 173 -5.26 15.76 -15.41
CA ASP B 173 -4.26 16.71 -14.92
C ASP B 173 -2.84 16.28 -15.28
N GLU B 174 -2.60 14.97 -15.25
CA GLU B 174 -1.29 14.43 -15.56
C GLU B 174 -0.98 14.18 -17.04
N LEU B 175 -1.98 13.75 -17.81
CA LEU B 175 -1.75 13.47 -19.23
C LEU B 175 -1.96 14.68 -20.14
N GLY B 176 -2.76 15.64 -19.69
CA GLY B 176 -3.01 16.83 -20.48
C GLY B 176 -4.35 16.74 -21.18
N ASP B 177 -4.93 15.54 -21.18
CA ASP B 177 -6.22 15.30 -21.80
C ASP B 177 -6.69 13.94 -21.29
N ALA B 178 -7.88 13.52 -21.71
CA ALA B 178 -8.41 12.23 -21.29
C ALA B 178 -7.86 11.18 -22.26
N PRO B 179 -7.73 9.92 -21.79
CA PRO B 179 -7.21 8.88 -22.69
C PRO B 179 -8.28 8.44 -23.68
N HIS B 180 -7.88 7.72 -24.72
CA HIS B 180 -8.85 7.23 -25.70
C HIS B 180 -9.74 6.20 -24.99
N TYR B 181 -9.16 5.42 -24.08
CA TYR B 181 -9.88 4.40 -23.34
C TYR B 181 -9.49 4.31 -21.86
N HIS B 182 -10.45 3.99 -21.00
CA HIS B 182 -10.17 3.83 -19.58
C HIS B 182 -10.82 2.53 -19.09
N ALA B 183 -9.99 1.55 -18.77
CA ALA B 183 -10.47 0.25 -18.33
C ALA B 183 -10.47 0.08 -16.82
N LEU B 184 -11.49 -0.60 -16.31
CA LEU B 184 -11.57 -0.84 -14.88
C LEU B 184 -12.52 -2.00 -14.57
N PRO B 185 -12.39 -2.59 -13.37
CA PRO B 185 -13.27 -3.69 -13.01
C PRO B 185 -14.62 -3.09 -12.62
N VAL B 186 -15.68 -3.88 -12.69
CA VAL B 186 -17.01 -3.42 -12.31
C VAL B 186 -17.60 -4.41 -11.30
N GLY B 187 -17.83 -3.94 -10.08
CA GLY B 187 -18.42 -4.77 -9.05
C GLY B 187 -19.84 -4.27 -8.79
N ASN B 188 -19.97 -3.38 -7.81
CA ASN B 188 -21.26 -2.80 -7.46
C ASN B 188 -21.52 -1.59 -8.38
N ALA B 189 -20.58 -1.37 -9.30
CA ALA B 189 -20.64 -0.31 -10.32
C ALA B 189 -20.46 1.16 -9.93
N GLY B 190 -20.20 1.45 -8.67
CA GLY B 190 -20.04 2.84 -8.28
C GLY B 190 -18.84 3.54 -8.92
N ASN B 191 -17.75 2.80 -9.11
CA ASN B 191 -16.53 3.38 -9.69
C ASN B 191 -16.63 3.78 -11.15
N ILE B 192 -17.12 2.88 -12.00
CA ILE B 192 -17.23 3.22 -13.41
C ILE B 192 -18.15 4.44 -13.55
N THR B 193 -19.20 4.49 -12.75
CA THR B 193 -20.12 5.61 -12.79
C THR B 193 -19.38 6.91 -12.41
N ALA B 194 -18.62 6.85 -11.33
CA ALA B 194 -17.85 8.01 -10.86
C ALA B 194 -16.82 8.48 -11.89
N HIS B 195 -16.14 7.52 -12.52
CA HIS B 195 -15.14 7.84 -13.54
C HIS B 195 -15.78 8.69 -14.63
N TRP B 196 -16.88 8.18 -15.18
CA TRP B 196 -17.60 8.86 -16.24
C TRP B 196 -18.08 10.25 -15.83
N MET B 197 -18.48 10.40 -14.58
CA MET B 197 -18.93 11.69 -14.07
C MET B 197 -17.74 12.64 -14.13
N GLY B 198 -16.58 12.15 -13.67
CA GLY B 198 -15.38 12.96 -13.66
C GLY B 198 -14.95 13.42 -15.04
N TYR B 199 -15.00 12.53 -16.01
CA TYR B 199 -14.59 12.88 -17.37
C TYR B 199 -15.54 13.84 -18.05
N LYS B 200 -16.84 13.66 -17.83
CA LYS B 200 -17.83 14.57 -18.42
C LYS B 200 -17.67 15.94 -17.79
N ALA B 201 -17.37 15.96 -16.50
CA ALA B 201 -17.21 17.21 -15.77
C ALA B 201 -15.99 18.01 -16.24
N TYR B 202 -14.87 17.33 -16.51
CA TYR B 202 -13.67 18.03 -16.98
C TYR B 202 -13.87 18.43 -18.43
N HIS B 203 -14.66 17.64 -19.15
CA HIS B 203 -14.93 17.93 -20.55
C HIS B 203 -15.78 19.19 -20.67
N ALA B 204 -16.83 19.25 -19.87
CA ALA B 204 -17.72 20.40 -19.87
C ALA B 204 -16.98 21.67 -19.42
N LEU B 205 -15.90 21.49 -18.66
CA LEU B 205 -15.11 22.60 -18.17
C LEU B 205 -14.02 22.99 -19.17
N GLY B 206 -13.92 22.21 -20.25
CA GLY B 206 -12.93 22.46 -21.27
C GLY B 206 -11.51 22.04 -20.93
N LYS B 207 -11.37 21.09 -20.02
CA LYS B 207 -10.04 20.63 -19.62
C LYS B 207 -9.67 19.33 -20.33
N ALA B 208 -10.64 18.76 -21.04
CA ALA B 208 -10.43 17.54 -21.80
C ALA B 208 -11.21 17.62 -23.10
N LYS B 209 -10.49 17.64 -24.22
CA LYS B 209 -11.14 17.70 -25.52
C LYS B 209 -11.93 16.42 -25.78
N ARG B 210 -11.29 15.28 -25.56
CA ARG B 210 -11.96 14.02 -25.80
C ARG B 210 -12.60 13.37 -24.57
N LEU B 211 -13.65 12.61 -24.82
CA LEU B 211 -14.35 11.85 -23.79
C LEU B 211 -13.89 10.43 -24.07
N PRO B 212 -13.23 9.79 -23.10
CA PRO B 212 -12.75 8.43 -23.30
C PRO B 212 -13.87 7.40 -23.38
N ARG B 213 -13.54 6.24 -23.92
CA ARG B 213 -14.50 5.14 -23.99
C ARG B 213 -14.24 4.36 -22.71
N MET B 214 -15.29 4.11 -21.92
CA MET B 214 -15.15 3.38 -20.68
C MET B 214 -15.22 1.87 -20.93
N LEU B 215 -14.16 1.17 -20.54
CA LEU B 215 -14.11 -0.28 -20.73
C LEU B 215 -14.22 -0.99 -19.39
N GLY B 216 -15.43 -1.46 -19.08
CA GLY B 216 -15.68 -2.15 -17.83
C GLY B 216 -15.62 -3.66 -17.95
N PHE B 217 -14.98 -4.30 -16.98
CA PHE B 217 -14.87 -5.74 -17.00
C PHE B 217 -15.29 -6.43 -15.71
N GLN B 218 -16.01 -7.53 -15.88
CA GLN B 218 -16.51 -8.32 -14.76
C GLN B 218 -16.05 -9.76 -14.86
N ALA B 219 -15.95 -10.45 -13.72
CA ALA B 219 -15.55 -11.85 -13.74
C ALA B 219 -16.73 -12.60 -14.37
N ALA B 220 -16.43 -13.59 -15.18
CA ALA B 220 -17.45 -14.36 -15.87
C ALA B 220 -18.52 -14.97 -14.96
N GLY B 221 -18.14 -15.37 -13.74
CA GLY B 221 -19.10 -15.96 -12.83
C GLY B 221 -19.86 -14.95 -11.98
N ALA B 222 -19.69 -13.68 -12.32
CA ALA B 222 -20.37 -12.60 -11.61
C ALA B 222 -20.45 -11.43 -12.56
N ALA B 223 -21.05 -11.68 -13.73
CA ALA B 223 -21.19 -10.65 -14.75
C ALA B 223 -22.64 -10.28 -15.04
N PRO B 224 -23.36 -9.76 -14.04
CA PRO B 224 -24.76 -9.35 -14.21
C PRO B 224 -24.94 -8.28 -15.27
N LEU B 225 -24.05 -7.29 -15.28
CA LEU B 225 -24.13 -6.22 -16.26
C LEU B 225 -23.77 -6.69 -17.66
N VAL B 226 -23.26 -7.92 -17.76
CA VAL B 226 -22.88 -8.48 -19.06
C VAL B 226 -23.98 -9.40 -19.60
N LEU B 227 -24.70 -10.04 -18.69
CA LEU B 227 -25.80 -10.93 -19.08
C LEU B 227 -27.08 -10.12 -19.31
N GLY B 228 -27.22 -9.02 -18.57
CA GLY B 228 -28.39 -8.18 -18.70
C GLY B 228 -29.41 -8.46 -17.62
N ARG B 229 -29.01 -9.22 -16.61
CA ARG B 229 -29.91 -9.58 -15.50
C ARG B 229 -29.10 -9.99 -14.27
N PRO B 230 -29.67 -9.79 -13.08
CA PRO B 230 -28.99 -10.15 -11.84
C PRO B 230 -28.51 -11.60 -11.80
N VAL B 231 -27.41 -11.84 -11.08
CA VAL B 231 -26.86 -13.17 -10.92
C VAL B 231 -27.01 -13.55 -9.44
N GLU B 232 -27.96 -14.44 -9.15
CA GLU B 232 -28.23 -14.86 -7.78
C GLU B 232 -27.09 -15.57 -7.09
N ARG B 233 -26.29 -16.31 -7.85
CA ARG B 233 -25.18 -17.04 -7.26
C ARG B 233 -23.85 -16.69 -7.92
N PRO B 234 -23.39 -15.44 -7.74
CA PRO B 234 -22.13 -15.01 -8.34
C PRO B 234 -20.94 -15.76 -7.75
N GLU B 235 -19.98 -16.11 -8.61
CA GLU B 235 -18.78 -16.83 -8.19
C GLU B 235 -17.51 -16.37 -8.90
N THR B 236 -16.42 -16.27 -8.14
CA THR B 236 -15.12 -15.88 -8.70
C THR B 236 -14.05 -15.81 -7.63
N LEU B 237 -12.83 -16.18 -8.00
CA LEU B 237 -11.72 -16.13 -7.06
C LEU B 237 -11.42 -14.66 -6.79
N ALA B 238 -11.88 -13.79 -7.69
CA ALA B 238 -11.70 -12.35 -7.54
C ALA B 238 -12.90 -11.88 -6.69
N THR B 239 -12.88 -12.25 -5.41
CA THR B 239 -13.97 -11.95 -4.50
C THR B 239 -14.37 -10.49 -4.35
N ALA B 240 -13.45 -9.57 -4.62
CA ALA B 240 -13.78 -8.15 -4.51
C ALA B 240 -15.01 -7.80 -5.36
N ILE B 241 -15.17 -8.49 -6.49
CA ILE B 241 -16.30 -8.23 -7.39
C ILE B 241 -17.27 -9.41 -7.52
N ARG B 242 -17.36 -10.21 -6.47
CA ARG B 242 -18.28 -11.36 -6.44
C ARG B 242 -19.67 -10.77 -6.13
N ILE B 243 -20.13 -9.90 -7.03
CA ILE B 243 -21.39 -9.19 -6.90
C ILE B 243 -22.33 -9.52 -8.06
N GLY B 244 -23.56 -9.90 -7.73
CA GLY B 244 -24.53 -10.26 -8.75
C GLY B 244 -25.61 -9.24 -9.04
N ASN B 245 -25.75 -8.24 -8.17
CA ASN B 245 -26.75 -7.19 -8.38
C ASN B 245 -26.22 -5.80 -8.01
N PRO B 246 -25.39 -5.19 -8.89
CA PRO B 246 -24.78 -3.87 -8.70
C PRO B 246 -25.78 -2.73 -8.43
N ALA B 247 -25.55 -2.03 -7.33
CA ALA B 247 -26.40 -0.91 -6.93
C ALA B 247 -26.43 0.20 -7.99
N SER B 248 -25.27 0.56 -8.52
CA SER B 248 -25.22 1.61 -9.55
C SER B 248 -25.45 1.05 -10.94
N TRP B 249 -26.26 -0.01 -11.02
CA TRP B 249 -26.58 -0.66 -12.29
C TRP B 249 -26.79 0.32 -13.45
N GLN B 250 -27.71 1.27 -13.26
CA GLN B 250 -28.00 2.25 -14.30
C GLN B 250 -26.83 3.19 -14.55
N GLY B 251 -26.12 3.55 -13.49
CA GLY B 251 -24.97 4.42 -13.64
C GLY B 251 -23.98 3.84 -14.64
N ALA B 252 -23.70 2.54 -14.50
CA ALA B 252 -22.75 1.86 -15.39
C ALA B 252 -23.25 1.74 -16.82
N VAL B 253 -24.52 1.35 -16.99
CA VAL B 253 -25.10 1.20 -18.32
C VAL B 253 -25.03 2.53 -19.06
N ARG B 254 -25.32 3.60 -18.34
CA ARG B 254 -25.29 4.94 -18.90
C ARG B 254 -23.87 5.31 -19.28
N ALA B 255 -22.94 5.10 -18.35
CA ALA B 255 -21.53 5.41 -18.61
C ALA B 255 -21.07 4.67 -19.86
N LYS B 256 -21.44 3.40 -19.95
CA LYS B 256 -21.08 2.58 -21.10
C LYS B 256 -21.61 3.20 -22.38
N GLU B 257 -22.93 3.40 -22.44
CA GLU B 257 -23.60 3.95 -23.61
C GLU B 257 -23.11 5.33 -24.05
N GLU B 258 -23.06 6.27 -23.12
CA GLU B 258 -22.62 7.62 -23.43
C GLU B 258 -21.19 7.70 -23.93
N SER B 259 -20.28 6.95 -23.32
CA SER B 259 -18.87 6.95 -23.71
C SER B 259 -18.60 6.11 -24.95
N GLY B 260 -19.53 5.23 -25.28
CA GLY B 260 -19.32 4.37 -26.42
C GLY B 260 -18.40 3.24 -26.04
N GLY B 261 -18.43 2.88 -24.76
CA GLY B 261 -17.58 1.80 -24.29
C GLY B 261 -18.28 0.47 -24.21
N VAL B 262 -17.76 -0.41 -23.37
CA VAL B 262 -18.33 -1.74 -23.20
C VAL B 262 -18.19 -2.23 -21.77
N ILE B 263 -18.92 -3.28 -21.46
CA ILE B 263 -18.85 -3.92 -20.15
C ILE B 263 -18.91 -5.40 -20.50
N GLU B 264 -17.75 -6.04 -20.51
CA GLU B 264 -17.66 -7.44 -20.87
C GLU B 264 -17.13 -8.31 -19.76
N ALA B 265 -17.03 -9.61 -20.03
CA ALA B 265 -16.58 -10.53 -19.02
C ALA B 265 -15.26 -11.18 -19.35
N VAL B 266 -14.45 -11.42 -18.32
CA VAL B 266 -13.18 -12.10 -18.47
C VAL B 266 -13.26 -13.28 -17.51
N THR B 267 -12.70 -14.42 -17.91
CA THR B 267 -12.72 -15.61 -17.07
C THR B 267 -11.69 -15.46 -15.95
N ASP B 268 -11.85 -16.24 -14.88
CA ASP B 268 -10.93 -16.20 -13.76
C ASP B 268 -9.51 -16.56 -14.20
N GLU B 269 -9.39 -17.40 -15.22
CA GLU B 269 -8.09 -17.79 -15.74
C GLU B 269 -7.40 -16.58 -16.37
N GLU B 270 -8.15 -15.83 -17.18
CA GLU B 270 -7.63 -14.63 -17.83
C GLU B 270 -7.20 -13.60 -16.78
N ILE B 271 -7.97 -13.53 -15.70
CA ILE B 271 -7.67 -12.62 -14.61
C ILE B 271 -6.31 -12.99 -14.01
N LEU B 272 -6.13 -14.27 -13.70
CA LEU B 272 -4.89 -14.75 -13.14
C LEU B 272 -3.70 -14.55 -14.08
N PHE B 273 -3.95 -14.62 -15.38
CA PHE B 273 -2.87 -14.40 -16.35
C PHE B 273 -2.44 -12.95 -16.32
N ALA B 274 -3.42 -12.05 -16.32
CA ALA B 274 -3.16 -10.60 -16.30
C ALA B 274 -2.55 -10.22 -14.96
N TYR B 275 -3.00 -10.92 -13.92
CA TYR B 275 -2.54 -10.72 -12.55
C TYR B 275 -1.03 -10.98 -12.52
N ARG B 276 -0.63 -12.11 -13.07
CA ARG B 276 0.79 -12.49 -13.13
C ARG B 276 1.60 -11.56 -14.03
N TYR B 277 1.03 -11.22 -15.18
CA TYR B 277 1.70 -10.33 -16.12
C TYR B 277 2.11 -9.01 -15.49
N LEU B 278 1.18 -8.37 -14.78
CA LEU B 278 1.47 -7.09 -14.16
C LEU B 278 2.56 -7.11 -13.09
N ALA B 279 2.54 -8.12 -12.23
CA ALA B 279 3.55 -8.20 -11.17
C ALA B 279 4.92 -8.65 -11.67
N ARG B 280 4.89 -9.69 -12.50
CA ARG B 280 6.11 -10.30 -13.03
C ARG B 280 6.79 -9.51 -14.15
N GLU B 281 6.00 -8.90 -15.03
CA GLU B 281 6.54 -8.14 -16.16
C GLU B 281 6.56 -6.63 -15.97
N GLU B 282 5.62 -6.09 -15.20
CA GLU B 282 5.59 -4.64 -15.00
C GLU B 282 6.04 -4.23 -13.61
N GLY B 283 6.13 -5.20 -12.70
CA GLY B 283 6.54 -4.88 -11.34
C GLY B 283 5.41 -4.24 -10.54
N ILE B 284 4.18 -4.40 -11.02
CA ILE B 284 3.00 -3.84 -10.36
C ILE B 284 2.13 -4.95 -9.78
N PHE B 285 2.00 -4.96 -8.45
CA PHE B 285 1.21 -5.99 -7.79
C PHE B 285 -0.17 -5.43 -7.37
N CYS B 286 -1.23 -5.89 -8.04
CA CYS B 286 -2.58 -5.46 -7.72
C CYS B 286 -3.39 -6.71 -7.35
N GLU B 287 -4.57 -6.56 -6.75
CA GLU B 287 -5.32 -7.77 -6.40
C GLU B 287 -6.02 -8.33 -7.64
N PRO B 288 -6.45 -9.60 -7.58
CA PRO B 288 -7.12 -10.22 -8.72
C PRO B 288 -8.23 -9.42 -9.38
N ALA B 289 -9.14 -8.84 -8.59
CA ALA B 289 -10.22 -8.06 -9.18
C ALA B 289 -9.66 -6.92 -10.02
N SER B 290 -8.62 -6.26 -9.52
CA SER B 290 -8.00 -5.16 -10.26
C SER B 290 -7.43 -5.68 -11.58
N ALA B 291 -6.88 -6.89 -11.55
CA ALA B 291 -6.28 -7.50 -12.74
C ALA B 291 -7.31 -7.75 -13.83
N ALA B 292 -8.59 -7.72 -13.47
CA ALA B 292 -9.64 -7.94 -14.47
C ALA B 292 -9.59 -6.82 -15.53
N ALA B 293 -9.11 -5.65 -15.14
CA ALA B 293 -9.03 -4.52 -16.08
C ALA B 293 -8.00 -4.81 -17.16
N MET B 294 -6.84 -5.31 -16.74
CA MET B 294 -5.77 -5.65 -17.67
C MET B 294 -6.22 -6.84 -18.49
N ALA B 295 -6.93 -7.79 -17.86
CA ALA B 295 -7.43 -8.96 -18.59
C ALA B 295 -8.41 -8.53 -19.67
N GLY B 296 -9.13 -7.44 -19.40
CA GLY B 296 -10.08 -6.93 -20.38
C GLY B 296 -9.33 -6.28 -21.54
N VAL B 297 -8.22 -5.63 -21.23
CA VAL B 297 -7.43 -5.01 -22.29
C VAL B 297 -6.85 -6.12 -23.17
N PHE B 298 -6.25 -7.15 -22.55
CA PHE B 298 -5.70 -8.26 -23.32
C PHE B 298 -6.75 -8.81 -24.27
N LYS B 299 -7.99 -8.89 -23.78
CA LYS B 299 -9.12 -9.38 -24.54
C LYS B 299 -9.37 -8.52 -25.78
N LEU B 300 -9.60 -7.24 -25.55
CA LEU B 300 -9.85 -6.33 -26.67
C LEU B 300 -8.67 -6.32 -27.63
N LEU B 301 -7.44 -6.35 -27.12
CA LEU B 301 -6.26 -6.37 -27.99
C LEU B 301 -6.28 -7.62 -28.85
N ARG B 302 -6.51 -8.76 -28.20
CA ARG B 302 -6.56 -10.05 -28.86
C ARG B 302 -7.61 -10.07 -29.98
N GLU B 303 -8.70 -9.33 -29.78
CA GLU B 303 -9.78 -9.28 -30.76
C GLU B 303 -9.60 -8.12 -31.72
N GLY B 304 -8.46 -7.45 -31.63
CA GLY B 304 -8.18 -6.32 -32.50
C GLY B 304 -9.22 -5.22 -32.42
N ARG B 305 -9.65 -4.88 -31.22
CA ARG B 305 -10.66 -3.85 -31.05
C ARG B 305 -10.14 -2.53 -30.48
N LEU B 306 -8.82 -2.39 -30.41
CA LEU B 306 -8.21 -1.16 -29.92
C LEU B 306 -7.43 -0.47 -31.03
N GLU B 307 -7.83 0.77 -31.35
CA GLU B 307 -7.17 1.55 -32.40
C GLU B 307 -5.70 1.82 -32.13
N PRO B 308 -4.87 1.72 -33.17
CA PRO B 308 -3.43 1.96 -33.08
C PRO B 308 -3.13 3.37 -32.58
N GLU B 309 -1.97 3.54 -31.95
CA GLU B 309 -1.55 4.84 -31.44
C GLU B 309 -2.53 5.47 -30.44
N SER B 310 -3.29 4.65 -29.73
CA SER B 310 -4.22 5.20 -28.75
C SER B 310 -3.68 5.07 -27.33
N THR B 311 -4.26 5.82 -26.41
CA THR B 311 -3.81 5.74 -25.03
C THR B 311 -4.85 5.00 -24.19
N VAL B 312 -4.37 4.06 -23.39
CA VAL B 312 -5.21 3.25 -22.52
C VAL B 312 -4.80 3.40 -21.06
N VAL B 313 -5.73 3.88 -20.23
CA VAL B 313 -5.45 4.01 -18.81
C VAL B 313 -6.26 2.93 -18.09
N LEU B 314 -5.61 2.23 -17.17
CA LEU B 314 -6.29 1.19 -16.42
C LEU B 314 -6.29 1.59 -14.96
N THR B 315 -7.44 1.48 -14.32
CA THR B 315 -7.52 1.78 -12.90
C THR B 315 -7.25 0.45 -12.21
N LEU B 316 -6.09 0.32 -11.57
CA LEU B 316 -5.77 -0.90 -10.86
C LEU B 316 -6.28 -0.60 -9.46
N THR B 317 -7.50 -1.05 -9.21
CA THR B 317 -8.22 -0.80 -7.97
C THR B 317 -7.67 -1.13 -6.58
N GLY B 318 -7.02 -2.27 -6.43
CA GLY B 318 -6.50 -2.60 -5.11
C GLY B 318 -5.10 -3.18 -5.13
N HIS B 319 -4.38 -3.01 -4.02
CA HIS B 319 -3.02 -3.53 -3.92
C HIS B 319 -3.03 -5.05 -3.81
N GLY B 320 -1.97 -5.68 -4.32
CA GLY B 320 -1.87 -7.13 -4.26
C GLY B 320 -1.81 -7.65 -2.84
N LEU B 321 -1.27 -6.83 -1.94
CA LEU B 321 -1.19 -7.23 -0.54
C LEU B 321 -2.56 -7.52 0.07
N LYS B 322 -3.63 -7.04 -0.57
CA LYS B 322 -4.99 -7.29 -0.08
C LYS B 322 -5.36 -8.78 -0.10
N ASP B 323 -4.83 -9.52 -1.07
CA ASP B 323 -5.18 -10.92 -1.23
C ASP B 323 -3.98 -11.87 -1.39
N PRO B 324 -3.19 -12.04 -0.31
CA PRO B 324 -2.00 -12.91 -0.27
C PRO B 324 -2.26 -14.33 -0.77
N ALA B 325 -3.37 -14.90 -0.33
CA ALA B 325 -3.76 -16.25 -0.69
C ALA B 325 -3.66 -16.61 -2.18
N THR B 326 -4.06 -15.68 -3.06
CA THR B 326 -4.03 -15.96 -4.49
C THR B 326 -2.63 -16.11 -5.09
N ALA B 327 -1.63 -15.54 -4.44
CA ALA B 327 -0.25 -15.63 -4.93
C ALA B 327 0.15 -17.09 -5.15
N GLU B 328 -0.39 -17.98 -4.34
CA GLU B 328 -0.09 -19.41 -4.43
C GLU B 328 -0.68 -20.05 -5.69
N ARG B 329 -1.48 -19.31 -6.44
CA ARG B 329 -2.06 -19.86 -7.65
C ARG B 329 -1.30 -19.54 -8.93
N VAL B 330 -0.27 -18.72 -8.82
CA VAL B 330 0.53 -18.35 -9.98
C VAL B 330 2.02 -18.58 -9.75
N ALA B 331 2.35 -19.28 -8.68
CA ALA B 331 3.73 -19.57 -8.33
C ALA B 331 3.76 -20.38 -7.05
N GLU B 332 4.76 -21.23 -6.91
CA GLU B 332 4.88 -22.05 -5.71
C GLU B 332 6.14 -21.69 -4.93
N LEU B 333 6.03 -21.75 -3.61
CA LEU B 333 7.15 -21.45 -2.72
C LEU B 333 8.05 -22.67 -2.61
N PRO B 334 9.34 -22.54 -2.94
CA PRO B 334 10.23 -23.69 -2.85
C PRO B 334 10.52 -24.07 -1.40
N PRO B 335 10.73 -25.37 -1.14
CA PRO B 335 11.03 -25.83 0.23
C PRO B 335 12.43 -25.37 0.66
N PRO B 336 12.64 -25.16 1.97
CA PRO B 336 13.91 -24.71 2.53
C PRO B 336 15.14 -25.56 2.18
N VAL B 337 16.31 -24.94 2.22
CA VAL B 337 17.56 -25.63 1.93
C VAL B 337 18.59 -25.22 2.97
N PRO B 338 19.63 -26.06 3.17
CA PRO B 338 20.68 -25.75 4.14
C PRO B 338 21.28 -24.38 3.89
N ALA B 339 21.66 -23.70 4.96
CA ALA B 339 22.25 -22.38 4.86
C ALA B 339 23.72 -22.46 4.48
N ARG B 340 23.98 -22.95 3.26
CA ARG B 340 25.35 -23.05 2.75
C ARG B 340 25.46 -22.43 1.37
N LEU B 341 26.57 -21.75 1.12
CA LEU B 341 26.78 -21.11 -0.17
C LEU B 341 26.45 -22.06 -1.32
N GLU B 342 26.96 -23.29 -1.23
CA GLU B 342 26.73 -24.31 -2.24
C GLU B 342 25.24 -24.66 -2.43
N ALA B 343 24.53 -24.91 -1.34
CA ALA B 343 23.11 -25.23 -1.40
C ALA B 343 22.28 -24.08 -1.98
N VAL B 344 22.53 -22.87 -1.49
CA VAL B 344 21.79 -21.71 -1.97
C VAL B 344 22.03 -21.50 -3.46
N ALA B 345 23.31 -21.44 -3.86
CA ALA B 345 23.67 -21.24 -5.26
C ALA B 345 23.01 -22.26 -6.18
N ALA B 346 22.85 -23.49 -5.70
CA ALA B 346 22.23 -24.52 -6.51
C ALA B 346 20.72 -24.26 -6.58
N ALA B 347 20.13 -23.90 -5.45
CA ALA B 347 18.69 -23.62 -5.39
C ALA B 347 18.39 -22.35 -6.18
N ALA B 348 19.37 -21.48 -6.33
CA ALA B 348 19.20 -20.24 -7.07
C ALA B 348 19.41 -20.45 -8.57
N GLY B 349 19.69 -21.69 -8.96
CA GLY B 349 19.91 -22.01 -10.36
C GLY B 349 21.22 -21.46 -10.93
N LEU B 350 22.20 -21.25 -10.07
CA LEU B 350 23.50 -20.71 -10.49
C LEU B 350 24.56 -21.80 -10.65
N LEU B 351 24.21 -23.03 -10.27
CA LEU B 351 25.12 -24.16 -10.38
C LEU B 351 24.59 -25.18 -11.38
CAA AN7 C . 8.79 -2.78 7.87
OAB AN7 C . 15.74 -7.40 4.58
OAC AN7 C . 16.03 -5.58 6.62
OAD AN7 C . 17.04 -2.49 8.20
OAE AN7 C . 13.59 -6.90 4.45
OAF AN7 C . 10.89 -4.38 6.68
OAG AN7 C . 17.09 0.00 7.76
OAH AN7 C . 17.29 -0.91 10.14
CAI AN7 C . 13.80 -5.03 6.57
CAJ AN7 C . 13.77 -4.05 7.57
CAK AN7 C . 11.87 -1.58 9.66
CAL AN7 C . 14.31 -1.97 9.73
NAM AN7 C . 10.62 -1.77 9.23
OAN AN7 C . 15.01 -1.03 8.91
CAO AN7 C . 14.74 -6.76 4.97
CAP AN7 C . 14.92 -5.74 6.12
CAQ AN7 C . 10.28 -2.67 8.26
CAR AN7 C . 11.28 -3.49 7.65
CAS AN7 C . 12.94 -2.33 9.12
CAT AN7 C . 12.66 -3.31 8.09
PAU AN7 C . 16.60 -1.18 8.71
P PO4 D . 18.75 -4.27 3.97
O1 PO4 D . 17.27 -3.81 3.76
O2 PO4 D . 19.40 -4.50 5.36
O3 PO4 D . 19.40 -5.04 2.75
O4 PO4 D . 18.08 -5.65 4.31
CAA AN7 E . -10.10 -4.10 -5.60
OAB AN7 E . -17.68 -3.46 -0.81
OAC AN7 E . -17.69 -3.23 -3.57
OAD AN7 E . -17.95 -1.53 -6.96
OAE AN7 E . -15.50 -3.67 -0.83
OAF AN7 E . -12.43 -3.92 -3.90
OAG AN7 E . -17.08 0.59 -8.02
OAH AN7 E . -17.72 -1.42 -9.49
CAI AN7 E . -15.38 -3.46 -3.65
CAJ AN7 E . -15.17 -3.35 -5.04
CAK AN7 E . -12.87 -3.36 -8.03
CAL AN7 E . -15.30 -2.94 -8.04
NAM AN7 E . -11.68 -3.62 -7.46
OAN AN7 E . -15.58 -1.53 -8.01
CAO AN7 E . -16.61 -3.51 -1.42
CAP AN7 E . -16.62 -3.39 -2.97
CAQ AN7 E . -11.51 -3.81 -6.11
CAR AN7 E . -12.65 -3.73 -5.22
CAS AN7 E . -14.04 -3.25 -7.24
CAT AN7 E . -13.95 -3.45 -5.80
PAU AN7 E . -17.11 -1.02 -8.05
P PO4 F . -19.49 -0.19 -2.38
O1 PO4 F . -18.01 0.23 -2.70
O2 PO4 F . -19.50 -1.67 -1.87
O3 PO4 F . -20.08 0.76 -1.26
O4 PO4 F . -20.37 -0.07 -3.68
#